data_3P19
#
_entry.id   3P19
#
_cell.length_a   64.403
_cell.length_b   64.403
_cell.length_c   262.588
_cell.angle_alpha   90.000
_cell.angle_beta   90.000
_cell.angle_gamma   90.000
#
_symmetry.space_group_name_H-M   'P 43'
#
loop_
_entity.id
_entity.type
_entity.pdbx_description
1 polymer 'Putative blue fluorescent protein'
2 non-polymer 'NADPH DIHYDRO-NICOTINAMIDE-ADENINE-DINUCLEOTIDE PHOSPHATE'
3 water water
#
_entity_poly.entity_id   1
_entity_poly.type   'polypeptide(L)'
_entity_poly.pdbx_seq_one_letter_code
;MASMTGGQQMGRGSMKKLVVITGASSGIGEAIARRFSEEGHPLLLLARRVERLKALNLPNTLCAQVDVTDKYTFDTAITR
AEKIYGPADAIVNNAGMMLLGQIDTQEANEWQRMFDVNVLGLLNGMQAVLAPMKARNCGTIINISSIAGKKTFPDHAAYC
GTKFAVHAISENVREEVAASNVRVMTIAPSAVKTELLSHTTSQQIKDGYDAWRVDMGGVLAADDVARAVLFAYQQPQNVC
IREIALAPTKQQPKLAAALEHHHHHH
;
_entity_poly.pdbx_strand_id   A,B,C,D
#
loop_
_chem_comp.id
_chem_comp.type
_chem_comp.name
_chem_comp.formula
NDP non-polymer 'NADPH DIHYDRO-NICOTINAMIDE-ADENINE-DINUCLEOTIDE PHOSPHATE' 'C21 H30 N7 O17 P3'
#
# COMPACT_ATOMS: atom_id res chain seq x y z
N MET A 15 5.47 -26.49 32.60
CA MET A 15 5.33 -25.01 32.67
C MET A 15 5.93 -24.35 31.43
N LYS A 16 5.06 -23.79 30.59
CA LYS A 16 5.50 -23.18 29.33
C LYS A 16 6.05 -21.77 29.57
N LYS A 17 6.44 -21.09 28.50
CA LYS A 17 7.11 -19.78 28.61
C LYS A 17 6.16 -18.62 28.94
N LEU A 18 6.69 -17.64 29.66
CA LEU A 18 5.90 -16.47 30.03
C LEU A 18 5.44 -15.66 28.81
N VAL A 19 4.19 -15.22 28.84
CA VAL A 19 3.69 -14.31 27.80
C VAL A 19 3.14 -13.07 28.47
N VAL A 20 3.56 -11.91 27.96
CA VAL A 20 3.06 -10.65 28.48
C VAL A 20 1.96 -10.09 27.58
N ILE A 21 0.88 -9.61 28.16
CA ILE A 21 -0.19 -9.09 27.37
C ILE A 21 -0.63 -7.76 27.94
N THR A 22 -0.62 -6.71 27.12
CA THR A 22 -1.13 -5.39 27.53
C THR A 22 -2.56 -5.21 27.08
N GLY A 23 -3.33 -4.40 27.80
CA GLY A 23 -4.73 -4.24 27.45
C GLY A 23 -5.59 -5.49 27.64
N ALA A 24 -5.32 -6.25 28.68
CA ALA A 24 -6.00 -7.56 28.88
C ALA A 24 -7.34 -7.47 29.64
N SER A 25 -7.79 -6.26 29.93
CA SER A 25 -8.92 -6.07 30.85
C SER A 25 -10.26 -6.07 30.14
N SER A 26 -10.24 -6.04 28.81
CA SER A 26 -11.47 -6.17 28.01
C SER A 26 -11.12 -6.61 26.60
N GLY A 27 -12.13 -6.85 25.78
CA GLY A 27 -11.96 -6.94 24.34
C GLY A 27 -10.96 -7.97 23.85
N ILE A 28 -10.16 -7.58 22.86
CA ILE A 28 -9.21 -8.48 22.22
C ILE A 28 -8.14 -9.02 23.17
N GLY A 29 -7.59 -8.15 24.02
CA GLY A 29 -6.59 -8.56 25.00
C GLY A 29 -7.07 -9.62 26.00
N GLU A 30 -8.32 -9.49 26.45
CA GLU A 30 -8.91 -10.46 27.37
C GLU A 30 -9.02 -11.82 26.65
N ALA A 31 -9.48 -11.78 25.39
CA ALA A 31 -9.68 -13.01 24.63
C ALA A 31 -8.37 -13.69 24.31
N ILE A 32 -7.33 -12.89 24.05
CA ILE A 32 -6.02 -13.42 23.79
C ILE A 32 -5.45 -14.10 25.05
N ALA A 33 -5.67 -13.48 26.21
CA ALA A 33 -5.24 -14.05 27.48
C ALA A 33 -5.90 -15.42 27.77
N ARG A 34 -7.19 -15.54 27.47
CA ARG A 34 -7.89 -16.81 27.71
C ARG A 34 -7.26 -17.92 26.89
N ARG A 35 -7.02 -17.66 25.60
CA ARG A 35 -6.46 -18.67 24.71
C ARG A 35 -5.07 -19.09 25.12
N PHE A 36 -4.22 -18.12 25.46
CA PHE A 36 -2.84 -18.42 25.88
C PHE A 36 -2.84 -19.13 27.25
N SER A 37 -3.73 -18.73 28.14
CA SER A 37 -3.91 -19.44 29.41
C SER A 37 -4.30 -20.90 29.17
N GLU A 38 -5.31 -21.11 28.34
CA GLU A 38 -5.72 -22.46 27.94
C GLU A 38 -4.58 -23.32 27.41
N GLU A 39 -3.71 -22.72 26.60
CA GLU A 39 -2.53 -23.41 26.10
C GLU A 39 -1.51 -23.69 27.18
N GLY A 40 -1.78 -23.21 28.39
CA GLY A 40 -0.88 -23.44 29.52
C GLY A 40 0.28 -22.45 29.64
N HIS A 41 0.16 -21.27 29.03
CA HIS A 41 1.16 -20.22 29.27
C HIS A 41 0.86 -19.49 30.57
N PRO A 42 1.89 -19.36 31.43
CA PRO A 42 1.78 -18.39 32.51
C PRO A 42 1.78 -16.98 31.89
N LEU A 43 1.03 -16.05 32.48
CA LEU A 43 0.82 -14.72 31.88
C LEU A 43 1.19 -13.59 32.82
N LEU A 44 1.64 -12.48 32.23
CA LEU A 44 1.53 -11.19 32.88
C LEU A 44 0.55 -10.33 32.11
N LEU A 45 -0.48 -9.87 32.81
CA LEU A 45 -1.53 -9.06 32.22
C LEU A 45 -1.42 -7.63 32.76
N LEU A 46 -1.55 -6.66 31.86
CA LEU A 46 -1.28 -5.27 32.17
C LEU A 46 -2.40 -4.42 31.64
N ALA A 47 -2.96 -3.60 32.52
CA ALA A 47 -4.00 -2.66 32.16
C ALA A 47 -4.17 -1.75 33.34
N ARG A 48 -4.95 -0.69 33.16
CA ARG A 48 -5.19 0.26 34.24
C ARG A 48 -6.28 -0.24 35.20
N ARG A 49 -7.27 -0.95 34.67
CA ARG A 49 -8.31 -1.58 35.49
C ARG A 49 -7.85 -2.95 35.99
N VAL A 50 -7.01 -2.95 37.02
CA VAL A 50 -6.38 -4.18 37.50
C VAL A 50 -7.36 -5.14 38.18
N GLU A 51 -8.48 -4.61 38.66
CA GLU A 51 -9.54 -5.43 39.26
C GLU A 51 -10.25 -6.30 38.23
N ARG A 52 -10.56 -5.73 37.07
CA ARG A 52 -11.12 -6.50 35.96
C ARG A 52 -10.17 -7.59 35.48
N LEU A 53 -8.88 -7.30 35.51
CA LEU A 53 -7.87 -8.32 35.26
C LEU A 53 -8.02 -9.48 36.25
N LYS A 54 -8.13 -9.15 37.53
CA LYS A 54 -8.16 -10.17 38.58
C LYS A 54 -9.44 -11.01 38.52
N ALA A 55 -10.53 -10.37 38.07
CA ALA A 55 -11.83 -11.03 37.96
C ALA A 55 -11.92 -11.98 36.77
N LEU A 56 -10.82 -12.08 36.00
CA LEU A 56 -10.72 -13.04 34.93
C LEU A 56 -10.43 -14.40 35.53
N ASN A 57 -9.66 -14.40 36.61
CA ASN A 57 -9.47 -15.60 37.40
C ASN A 57 -8.68 -16.66 36.66
N LEU A 58 -7.70 -16.23 35.89
CA LEU A 58 -6.92 -17.18 35.12
C LEU A 58 -5.79 -17.73 35.95
N PRO A 59 -5.48 -19.02 35.78
CA PRO A 59 -4.39 -19.69 36.50
C PRO A 59 -3.02 -19.19 36.04
N ASN A 60 -2.04 -19.26 36.93
CA ASN A 60 -0.67 -18.91 36.58
C ASN A 60 -0.58 -17.52 35.94
N THR A 61 -1.34 -16.58 36.48
CA THR A 61 -1.52 -15.27 35.88
C THR A 61 -1.20 -14.16 36.89
N LEU A 62 -0.10 -13.45 36.64
CA LEU A 62 0.19 -12.18 37.33
C LEU A 62 -0.59 -11.01 36.72
N CYS A 63 -1.29 -10.26 37.58
CA CYS A 63 -1.99 -9.05 37.15
C CYS A 63 -1.26 -7.85 37.75
N ALA A 64 -1.12 -6.77 36.97
CA ALA A 64 -0.45 -5.56 37.45
C ALA A 64 -1.08 -4.31 36.86
N GLN A 65 -1.38 -3.36 37.73
CA GLN A 65 -1.91 -2.06 37.32
C GLN A 65 -0.84 -1.23 36.62
N VAL A 66 -0.83 -1.28 35.29
CA VAL A 66 0.17 -0.56 34.52
C VAL A 66 -0.49 0.27 33.42
N ASP A 67 -0.06 1.54 33.32
CA ASP A 67 -0.35 2.37 32.15
C ASP A 67 0.86 2.24 31.23
N VAL A 68 0.65 1.71 30.02
CA VAL A 68 1.77 1.43 29.12
C VAL A 68 2.50 2.68 28.62
N THR A 69 1.92 3.85 28.84
CA THR A 69 2.63 5.11 28.55
C THR A 69 3.58 5.51 29.66
N ASP A 70 3.45 4.86 30.81
CA ASP A 70 4.42 4.95 31.92
C ASP A 70 5.49 3.86 31.81
N LYS A 71 6.57 4.17 31.12
CA LYS A 71 7.57 3.17 30.76
C LYS A 71 8.26 2.51 31.96
N TYR A 72 8.57 3.32 32.97
CA TYR A 72 9.28 2.80 34.14
C TYR A 72 8.45 1.71 34.87
N THR A 73 7.19 2.01 35.16
CA THR A 73 6.27 1.05 35.74
C THR A 73 6.10 -0.18 34.84
N PHE A 74 5.71 0.07 33.59
CA PHE A 74 5.72 -0.96 32.54
C PHE A 74 6.93 -1.90 32.65
N ASP A 75 8.13 -1.36 32.47
CA ASP A 75 9.35 -2.17 32.55
C ASP A 75 9.45 -2.97 33.86
N THR A 76 9.15 -2.29 34.96
CA THR A 76 9.30 -2.87 36.29
C THR A 76 8.36 -4.07 36.45
N ALA A 77 7.11 -3.88 36.05
CA ALA A 77 6.09 -4.92 36.16
C ALA A 77 6.57 -6.17 35.47
N ILE A 78 7.27 -5.97 34.34
CA ILE A 78 7.83 -7.07 33.57
C ILE A 78 8.97 -7.77 34.30
N THR A 79 9.93 -6.98 34.79
CA THR A 79 11.02 -7.55 35.61
C THR A 79 10.51 -8.45 36.74
N ARG A 80 9.48 -7.99 37.44
CA ARG A 80 8.90 -8.70 38.58
C ARG A 80 8.22 -10.01 38.20
N ALA A 81 7.67 -10.06 36.98
CA ALA A 81 7.06 -11.27 36.46
C ALA A 81 8.07 -12.26 35.92
N GLU A 82 9.20 -11.77 35.41
CA GLU A 82 10.24 -12.67 34.91
C GLU A 82 11.05 -13.32 36.04
N LYS A 83 11.02 -12.71 37.22
CA LYS A 83 11.61 -13.31 38.41
C LYS A 83 10.86 -14.60 38.77
N ILE A 84 9.54 -14.55 38.67
CA ILE A 84 8.72 -15.74 38.90
C ILE A 84 8.77 -16.76 37.75
N TYR A 85 8.47 -16.32 36.53
CA TYR A 85 8.20 -17.24 35.42
C TYR A 85 9.29 -17.38 34.37
N GLY A 86 10.40 -16.66 34.53
CA GLY A 86 11.46 -16.65 33.51
C GLY A 86 11.22 -15.59 32.43
N PRO A 87 12.15 -15.48 31.48
CA PRO A 87 12.11 -14.52 30.36
C PRO A 87 10.80 -14.57 29.55
N ALA A 88 10.17 -13.40 29.36
CA ALA A 88 9.06 -13.27 28.44
C ALA A 88 9.40 -13.73 27.02
N ASP A 89 8.73 -14.77 26.56
CA ASP A 89 8.92 -15.24 25.20
C ASP A 89 8.03 -14.50 24.19
N ALA A 90 7.00 -13.86 24.67
CA ALA A 90 6.14 -13.06 23.80
C ALA A 90 5.60 -11.86 24.52
N ILE A 91 5.43 -10.78 23.78
CA ILE A 91 4.62 -9.69 24.27
C ILE A 91 3.60 -9.37 23.19
N VAL A 92 2.35 -9.20 23.61
CA VAL A 92 1.30 -8.80 22.71
C VAL A 92 1.03 -7.36 23.06
N ASN A 93 1.44 -6.48 22.15
CA ASN A 93 1.20 -5.05 22.34
C ASN A 93 -0.18 -4.74 21.83
N ASN A 94 -1.15 -4.81 22.74
CA ASN A 94 -2.57 -4.83 22.37
C ASN A 94 -3.27 -3.57 22.86
N ALA A 95 -2.82 -3.02 23.99
CA ALA A 95 -3.39 -1.80 24.56
C ALA A 95 -3.54 -0.73 23.48
N GLY A 96 -4.71 -0.11 23.42
CA GLY A 96 -4.93 0.89 22.42
C GLY A 96 -6.24 1.59 22.63
N MET A 97 -6.45 2.67 21.90
CA MET A 97 -7.75 3.30 21.90
C MET A 97 -7.98 3.92 20.57
N MET A 98 -9.24 4.15 20.27
CA MET A 98 -9.65 4.68 19.00
C MET A 98 -10.50 5.91 19.28
N LEU A 99 -9.96 7.10 19.04
CA LEU A 99 -10.76 8.30 19.22
C LEU A 99 -11.06 8.89 17.86
N LEU A 100 -12.29 8.73 17.40
CA LEU A 100 -12.63 9.09 16.03
C LEU A 100 -13.04 10.56 15.94
N GLY A 101 -12.88 11.16 14.76
CA GLY A 101 -13.17 12.57 14.62
C GLY A 101 -12.70 13.18 13.33
N GLN A 102 -13.20 14.38 13.04
CA GLN A 102 -12.77 15.14 11.87
C GLN A 102 -11.59 16.01 12.30
N ILE A 103 -10.59 16.14 11.44
CA ILE A 103 -9.39 16.89 11.85
C ILE A 103 -9.66 18.38 12.03
N ASP A 104 -10.63 18.91 11.29
CA ASP A 104 -10.98 20.32 11.48
C ASP A 104 -11.53 20.69 12.87
N THR A 105 -12.09 19.72 13.61
CA THR A 105 -12.81 20.01 14.87
C THR A 105 -12.36 19.16 16.07
N GLN A 106 -11.79 17.99 15.81
CA GLN A 106 -11.38 17.11 16.91
C GLN A 106 -10.46 17.80 17.91
N GLU A 107 -10.76 17.65 19.20
CA GLU A 107 -9.84 18.07 20.25
C GLU A 107 -8.43 17.49 20.05
N ALA A 108 -7.44 18.38 19.91
CA ALA A 108 -6.04 17.99 19.70
C ALA A 108 -5.53 17.03 20.77
N ASN A 109 -6.00 17.16 22.00
CA ASN A 109 -5.50 16.25 23.04
C ASN A 109 -5.93 14.80 22.79
N GLU A 110 -6.98 14.59 22.00
CA GLU A 110 -7.33 13.23 21.57
C GLU A 110 -6.25 12.58 20.70
N TRP A 111 -5.64 13.36 19.81
CA TRP A 111 -4.51 12.87 19.01
C TRP A 111 -3.34 12.48 19.90
N GLN A 112 -3.03 13.31 20.89
CA GLN A 112 -1.89 13.06 21.77
C GLN A 112 -2.09 11.79 22.56
N ARG A 113 -3.26 11.62 23.17
CA ARG A 113 -3.51 10.46 24.01
C ARG A 113 -3.43 9.18 23.18
N MET A 114 -3.97 9.25 21.99
CA MET A 114 -4.10 8.09 21.13
C MET A 114 -2.72 7.67 20.60
N PHE A 115 -1.89 8.64 20.19
CA PHE A 115 -0.51 8.34 19.77
C PHE A 115 0.34 7.88 20.96
N ASP A 116 0.10 8.44 22.13
CA ASP A 116 0.84 7.99 23.30
C ASP A 116 0.59 6.49 23.61
N VAL A 117 -0.67 6.04 23.56
CA VAL A 117 -0.95 4.61 23.84
C VAL A 117 -0.65 3.70 22.65
N ASN A 118 -1.22 4.03 21.48
CA ASN A 118 -1.20 3.13 20.33
C ASN A 118 0.20 3.00 19.75
N VAL A 119 1.01 4.06 19.84
CA VAL A 119 2.37 4.01 19.29
C VAL A 119 3.48 3.96 20.37
N LEU A 120 3.52 4.95 21.25
CA LEU A 120 4.61 5.02 22.24
C LEU A 120 4.52 3.90 23.27
N GLY A 121 3.30 3.66 23.77
CA GLY A 121 3.01 2.46 24.56
C GLY A 121 3.58 1.18 23.97
N LEU A 122 3.35 0.97 22.68
CA LEU A 122 3.73 -0.24 22.00
C LEU A 122 5.24 -0.31 21.81
N LEU A 123 5.84 0.82 21.44
CA LEU A 123 7.30 0.96 21.44
C LEU A 123 7.93 0.65 22.81
N ASN A 124 7.31 1.13 23.90
CA ASN A 124 7.75 0.77 25.25
C ASN A 124 7.75 -0.76 25.40
N GLY A 125 6.66 -1.38 24.93
CA GLY A 125 6.49 -2.82 25.05
C GLY A 125 7.56 -3.56 24.29
N MET A 126 7.84 -3.12 23.07
CA MET A 126 8.92 -3.72 22.28
C MET A 126 10.27 -3.57 22.98
N GLN A 127 10.56 -2.37 23.50
CA GLN A 127 11.90 -2.15 24.08
C GLN A 127 12.07 -2.95 25.37
N ALA A 128 10.99 -3.21 26.07
CA ALA A 128 11.09 -4.02 27.29
C ALA A 128 11.72 -5.40 27.04
N VAL A 129 11.49 -5.98 25.87
CA VAL A 129 11.87 -7.37 25.66
C VAL A 129 12.93 -7.60 24.59
N LEU A 130 13.17 -6.60 23.75
CA LEU A 130 13.88 -6.83 22.51
C LEU A 130 15.37 -7.19 22.69
N ALA A 131 16.08 -6.47 23.56
CA ALA A 131 17.50 -6.78 23.78
C ALA A 131 17.69 -8.22 24.31
N PRO A 132 16.97 -8.60 25.36
CA PRO A 132 17.00 -9.96 25.88
C PRO A 132 16.65 -11.05 24.86
N MET A 133 15.51 -10.88 24.17
CA MET A 133 15.16 -11.79 23.08
C MET A 133 16.27 -11.92 22.07
N LYS A 134 16.80 -10.80 21.62
CA LYS A 134 17.93 -10.84 20.67
C LYS A 134 19.14 -11.60 21.22
N ALA A 135 19.40 -11.48 22.52
CA ALA A 135 20.59 -12.11 23.11
C ALA A 135 20.46 -13.64 23.10
N ARG A 136 19.28 -14.16 23.44
CA ARG A 136 19.04 -15.60 23.53
C ARG A 136 18.58 -16.18 22.20
N ASN A 137 18.44 -15.31 21.22
CA ASN A 137 17.94 -15.70 19.89
C ASN A 137 16.57 -16.36 19.95
N CYS A 138 15.65 -15.83 20.75
CA CYS A 138 14.31 -16.35 20.72
C CYS A 138 13.33 -15.32 21.22
N GLY A 139 12.13 -15.31 20.65
CA GLY A 139 11.09 -14.47 21.20
C GLY A 139 10.18 -13.97 20.10
N THR A 140 8.98 -13.54 20.48
CA THR A 140 8.03 -13.08 19.49
C THR A 140 7.36 -11.81 19.99
N ILE A 141 7.35 -10.80 19.13
CA ILE A 141 6.63 -9.57 19.37
C ILE A 141 5.37 -9.57 18.48
N ILE A 142 4.21 -9.45 19.09
CA ILE A 142 2.97 -9.46 18.34
C ILE A 142 2.30 -8.09 18.55
N ASN A 143 2.20 -7.31 17.49
CA ASN A 143 1.63 -5.98 17.59
C ASN A 143 0.23 -5.99 16.98
N ILE A 144 -0.75 -5.47 17.71
CA ILE A 144 -2.10 -5.45 17.19
C ILE A 144 -2.23 -4.14 16.44
N SER A 145 -2.18 -4.22 15.13
CA SER A 145 -2.48 -3.08 14.31
C SER A 145 -3.97 -3.03 13.95
N SER A 146 -4.26 -2.80 12.68
CA SER A 146 -5.62 -2.75 12.22
C SER A 146 -5.59 -2.73 10.71
N ILE A 147 -6.67 -3.16 10.07
CA ILE A 147 -6.80 -2.93 8.66
C ILE A 147 -6.80 -1.41 8.37
N ALA A 148 -7.19 -0.62 9.37
CA ALA A 148 -6.98 0.83 9.35
C ALA A 148 -5.49 1.24 9.37
N GLY A 149 -4.60 0.26 9.54
CA GLY A 149 -3.17 0.47 9.34
C GLY A 149 -2.74 0.23 7.91
N LYS A 150 -3.69 -0.14 7.06
CA LYS A 150 -3.45 -0.53 5.67
C LYS A 150 -4.31 0.33 4.75
N LYS A 151 -5.42 0.83 5.30
CA LYS A 151 -6.51 1.42 4.52
C LYS A 151 -7.06 2.62 5.31
N THR A 152 -7.60 3.62 4.62
CA THR A 152 -8.26 4.74 5.32
C THR A 152 -9.77 4.58 5.43
N PHE A 153 -10.38 5.29 6.39
CA PHE A 153 -11.77 5.14 6.79
C PHE A 153 -12.29 6.52 7.28
N PRO A 154 -13.54 6.88 6.94
CA PRO A 154 -14.16 8.13 7.39
C PRO A 154 -14.03 8.33 8.89
N ASP A 155 -13.54 9.48 9.31
CA ASP A 155 -13.46 9.86 10.74
C ASP A 155 -12.27 9.19 11.47
N HIS A 156 -11.41 8.49 10.72
CA HIS A 156 -10.33 7.71 11.35
C HIS A 156 -8.94 8.35 11.19
N ALA A 157 -8.86 9.61 10.74
CA ALA A 157 -7.57 10.16 10.30
C ALA A 157 -6.42 9.93 11.28
N ALA A 158 -6.63 10.35 12.52
CA ALA A 158 -5.59 10.22 13.54
C ALA A 158 -5.36 8.77 13.97
N TYR A 159 -6.44 8.00 14.16
CA TYR A 159 -6.29 6.58 14.46
C TYR A 159 -5.59 5.81 13.34
N CYS A 160 -5.94 6.09 12.10
CA CYS A 160 -5.22 5.53 10.96
C CYS A 160 -3.73 5.88 11.00
N GLY A 161 -3.43 7.11 11.38
CA GLY A 161 -2.05 7.54 11.59
C GLY A 161 -1.32 6.61 12.56
N THR A 162 -1.93 6.33 13.71
CA THR A 162 -1.26 5.51 14.72
C THR A 162 -1.07 4.12 14.16
N LYS A 163 -2.03 3.64 13.38
CA LYS A 163 -1.97 2.24 12.99
C LYS A 163 -1.04 2.00 11.78
N PHE A 164 -0.97 2.96 10.88
CA PHE A 164 0.07 2.87 9.83
C PHE A 164 1.46 2.93 10.48
N ALA A 165 1.64 3.81 11.47
CA ALA A 165 2.91 3.90 12.20
C ALA A 165 3.23 2.55 12.81
N VAL A 166 2.24 1.89 13.38
CA VAL A 166 2.46 0.55 13.97
C VAL A 166 2.89 -0.46 12.91
N HIS A 167 2.22 -0.45 11.76
CA HIS A 167 2.62 -1.27 10.64
C HIS A 167 4.08 -1.03 10.20
N ALA A 168 4.44 0.24 10.03
CA ALA A 168 5.80 0.59 9.61
C ALA A 168 6.86 0.17 10.66
N ILE A 169 6.62 0.49 11.93
CA ILE A 169 7.52 0.15 13.04
C ILE A 169 7.75 -1.37 13.11
N SER A 170 6.65 -2.11 13.08
CA SER A 170 6.70 -3.57 13.05
C SER A 170 7.56 -4.08 11.91
N GLU A 171 7.30 -3.63 10.69
CA GLU A 171 8.07 -4.15 9.57
C GLU A 171 9.53 -3.79 9.71
N ASN A 172 9.81 -2.56 10.12
CA ASN A 172 11.19 -2.11 10.22
C ASN A 172 11.93 -2.95 11.27
N VAL A 173 11.35 -3.08 12.46
CA VAL A 173 11.99 -3.88 13.49
C VAL A 173 12.11 -5.34 13.08
N ARG A 174 11.07 -5.89 12.44
CA ARG A 174 11.15 -7.29 11.99
C ARG A 174 12.40 -7.55 11.16
N GLU A 175 12.68 -6.68 10.18
CA GLU A 175 13.87 -6.86 9.34
C GLU A 175 15.19 -6.83 10.12
N GLU A 176 15.20 -6.04 11.20
CA GLU A 176 16.43 -5.73 11.92
C GLU A 176 16.79 -6.84 12.93
N VAL A 177 15.77 -7.53 13.45
CA VAL A 177 15.98 -8.57 14.44
C VAL A 177 15.84 -9.98 13.85
N ALA A 178 15.52 -10.06 12.56
CA ALA A 178 15.53 -11.32 11.81
C ALA A 178 16.77 -12.20 12.05
N ALA A 179 17.96 -11.62 11.88
CA ALA A 179 19.23 -12.33 12.05
C ALA A 179 19.44 -12.89 13.46
N SER A 180 18.84 -12.25 14.46
CA SER A 180 18.85 -12.80 15.81
C SER A 180 17.74 -13.80 16.07
N ASN A 181 17.06 -14.25 15.02
CA ASN A 181 15.99 -15.23 15.15
C ASN A 181 14.82 -14.83 16.07
N VAL A 182 14.57 -13.52 16.17
CA VAL A 182 13.39 -13.00 16.87
C VAL A 182 12.25 -12.71 15.88
N ARG A 183 11.01 -12.97 16.27
CA ARG A 183 9.87 -12.78 15.35
C ARG A 183 9.14 -11.50 15.67
N VAL A 184 8.71 -10.79 14.65
CA VAL A 184 7.83 -9.65 14.85
C VAL A 184 6.64 -9.81 13.93
N MET A 185 5.44 -9.85 14.54
CA MET A 185 4.18 -10.15 13.85
C MET A 185 3.23 -8.97 13.98
N THR A 186 2.49 -8.72 12.91
CA THR A 186 1.43 -7.71 12.90
C THR A 186 0.08 -8.40 12.73
N ILE A 187 -0.88 -8.14 13.60
CA ILE A 187 -2.22 -8.68 13.46
C ILE A 187 -3.14 -7.48 13.18
N ALA A 188 -3.84 -7.53 12.05
CA ALA A 188 -4.59 -6.38 11.57
C ALA A 188 -6.07 -6.76 11.49
N PRO A 189 -6.79 -6.65 12.61
CA PRO A 189 -8.23 -6.92 12.57
C PRO A 189 -9.05 -5.73 12.03
N SER A 190 -10.31 -6.00 11.70
CA SER A 190 -11.29 -4.95 11.50
C SER A 190 -12.61 -5.38 12.19
N ALA A 191 -13.32 -4.43 12.78
CA ALA A 191 -14.69 -4.63 13.24
C ALA A 191 -14.84 -5.78 14.25
N VAL A 192 -14.35 -5.59 15.46
CA VAL A 192 -14.38 -6.64 16.46
C VAL A 192 -15.24 -6.12 17.60
N LYS A 193 -16.13 -6.96 18.15
CA LYS A 193 -17.00 -6.58 19.28
C LYS A 193 -16.22 -6.42 20.57
N THR A 194 -15.96 -5.18 20.95
CA THR A 194 -15.13 -4.89 22.13
C THR A 194 -15.62 -3.59 22.73
N GLU A 195 -14.88 -3.06 23.71
CA GLU A 195 -15.17 -1.74 24.27
C GLU A 195 -14.68 -0.53 23.44
N LEU A 196 -13.98 -0.79 22.33
CA LEU A 196 -13.17 0.23 21.66
C LEU A 196 -13.98 1.47 21.26
N LEU A 197 -15.05 1.26 20.49
CA LEU A 197 -15.77 2.37 19.85
C LEU A 197 -16.37 3.29 20.90
N SER A 198 -16.57 2.77 22.11
CA SER A 198 -17.30 3.52 23.13
C SER A 198 -16.50 4.70 23.70
N HIS A 199 -15.19 4.71 23.45
CA HIS A 199 -14.34 5.82 23.91
C HIS A 199 -14.37 7.05 23.02
N THR A 200 -14.82 6.90 21.77
CA THR A 200 -14.95 8.05 20.89
C THR A 200 -15.86 9.14 21.45
N THR A 201 -15.50 10.40 21.17
CA THR A 201 -16.17 11.59 21.70
C THR A 201 -17.57 11.80 21.11
N SER A 202 -17.68 11.85 19.78
CA SER A 202 -18.93 12.24 19.15
C SER A 202 -19.99 11.12 19.17
N GLN A 203 -21.15 11.39 19.77
CA GLN A 203 -22.25 10.42 19.79
C GLN A 203 -22.78 10.17 18.37
N GLN A 204 -22.68 11.19 17.53
CA GLN A 204 -23.04 11.03 16.14
C GLN A 204 -22.15 9.99 15.43
N ILE A 205 -20.83 10.07 15.65
CA ILE A 205 -19.89 9.14 15.01
C ILE A 205 -20.15 7.71 15.50
N LYS A 206 -20.25 7.56 16.81
CA LYS A 206 -20.57 6.28 17.44
C LYS A 206 -21.85 5.64 16.86
N ASP A 207 -22.90 6.44 16.69
CA ASP A 207 -24.16 5.94 16.12
C ASP A 207 -23.98 5.48 14.68
N GLY A 208 -23.27 6.29 13.89
CA GLY A 208 -23.02 5.94 12.50
C GLY A 208 -22.21 4.66 12.42
N TYR A 209 -21.25 4.51 13.33
CA TYR A 209 -20.36 3.36 13.28
C TYR A 209 -21.13 2.11 13.67
N ASP A 210 -21.95 2.24 14.71
CA ASP A 210 -22.70 1.10 15.22
C ASP A 210 -23.71 0.62 14.22
N ALA A 211 -24.33 1.55 13.49
CA ALA A 211 -25.22 1.20 12.38
C ALA A 211 -24.48 0.54 11.22
N TRP A 212 -23.21 0.87 11.07
CA TRP A 212 -22.41 0.24 10.04
C TRP A 212 -22.19 -1.21 10.44
N ARG A 213 -21.83 -1.46 11.69
CA ARG A 213 -21.60 -2.84 12.06
C ARG A 213 -22.87 -3.73 12.06
N VAL A 214 -23.98 -3.18 12.53
CA VAL A 214 -25.30 -3.81 12.37
C VAL A 214 -25.60 -4.14 10.89
N ASP A 215 -25.34 -3.18 10.01
CA ASP A 215 -25.73 -3.28 8.62
C ASP A 215 -25.01 -4.39 7.87
N MET A 216 -23.78 -4.67 8.28
CA MET A 216 -22.99 -5.74 7.64
C MET A 216 -23.32 -7.12 8.19
N GLY A 217 -24.14 -7.19 9.24
CA GLY A 217 -24.63 -8.48 9.76
C GLY A 217 -23.93 -8.83 11.06
N GLY A 218 -23.37 -7.81 11.69
CA GLY A 218 -22.47 -8.03 12.80
C GLY A 218 -21.06 -8.38 12.35
N VAL A 219 -20.25 -8.78 13.31
CA VAL A 219 -18.87 -8.35 13.31
C VAL A 219 -18.04 -9.48 13.94
N LEU A 220 -16.73 -9.33 14.00
CA LEU A 220 -15.88 -10.38 14.56
C LEU A 220 -16.10 -10.46 16.06
N ALA A 221 -15.98 -11.66 16.62
CA ALA A 221 -15.80 -11.83 18.07
C ALA A 221 -14.32 -11.64 18.43
N ALA A 222 -14.05 -11.12 19.62
CA ALA A 222 -12.66 -10.98 20.11
C ALA A 222 -11.85 -12.27 19.93
N ASP A 223 -12.50 -13.41 20.18
CA ASP A 223 -11.83 -14.69 20.08
C ASP A 223 -11.36 -15.04 18.66
N ASP A 224 -12.01 -14.46 17.66
CA ASP A 224 -11.57 -14.70 16.28
C ASP A 224 -10.18 -14.15 16.09
N VAL A 225 -9.90 -13.02 16.75
CA VAL A 225 -8.56 -12.42 16.70
C VAL A 225 -7.59 -13.27 17.53
N ALA A 226 -8.01 -13.67 18.74
CA ALA A 226 -7.18 -14.49 19.60
C ALA A 226 -6.75 -15.83 18.99
N ARG A 227 -7.62 -16.47 18.23
CA ARG A 227 -7.22 -17.72 17.56
C ARG A 227 -6.13 -17.49 16.53
N ALA A 228 -6.18 -16.35 15.81
CA ALA A 228 -5.15 -16.04 14.83
C ALA A 228 -3.82 -15.72 15.49
N VAL A 229 -3.85 -14.93 16.55
CA VAL A 229 -2.65 -14.62 17.33
C VAL A 229 -1.97 -15.89 17.86
N LEU A 230 -2.75 -16.79 18.46
CA LEU A 230 -2.19 -18.03 18.99
C LEU A 230 -1.61 -18.89 17.87
N PHE A 231 -2.33 -19.02 16.76
CA PHE A 231 -1.81 -19.77 15.63
C PHE A 231 -0.48 -19.22 15.12
N ALA A 232 -0.35 -17.90 15.04
CA ALA A 232 0.88 -17.32 14.50
C ALA A 232 2.04 -17.63 15.48
N TYR A 233 1.76 -17.51 16.77
CA TYR A 233 2.76 -17.70 17.82
C TYR A 233 3.22 -19.16 17.92
N GLN A 234 2.25 -20.08 17.79
CA GLN A 234 2.50 -21.52 17.89
C GLN A 234 3.30 -22.11 16.73
N GLN A 235 3.52 -21.36 15.66
CA GLN A 235 4.37 -21.88 14.61
C GLN A 235 5.78 -22.07 15.18
N PRO A 236 6.57 -22.98 14.60
CA PRO A 236 7.93 -23.13 15.10
C PRO A 236 8.67 -21.79 15.02
N GLN A 237 9.65 -21.59 15.88
CA GLN A 237 10.40 -20.34 15.94
C GLN A 237 10.98 -19.90 14.59
N ASN A 238 11.30 -20.85 13.71
CA ASN A 238 11.89 -20.47 12.44
C ASN A 238 10.84 -20.06 11.40
N VAL A 239 9.55 -20.17 11.73
CA VAL A 239 8.51 -19.72 10.79
C VAL A 239 7.92 -18.38 11.26
N CYS A 240 8.02 -17.34 10.43
CA CYS A 240 7.48 -16.05 10.88
C CYS A 240 6.28 -15.65 10.05
N ILE A 241 5.11 -15.72 10.66
CA ILE A 241 3.94 -15.17 10.03
C ILE A 241 3.96 -13.66 10.27
N ARG A 242 4.29 -12.90 9.23
CA ARG A 242 4.55 -11.48 9.38
C ARG A 242 3.25 -10.68 9.60
N GLU A 243 2.20 -11.06 8.87
CA GLU A 243 0.91 -10.36 8.97
C GLU A 243 -0.25 -11.33 8.84
N ILE A 244 -1.26 -11.15 9.68
CA ILE A 244 -2.60 -11.72 9.45
C ILE A 244 -3.65 -10.59 9.51
N ALA A 245 -4.36 -10.38 8.40
CA ALA A 245 -5.42 -9.40 8.35
C ALA A 245 -6.75 -10.15 8.31
N LEU A 246 -7.71 -9.72 9.11
CA LEU A 246 -8.99 -10.44 9.17
C LEU A 246 -10.13 -9.46 9.50
N ALA A 247 -11.33 -9.83 9.05
CA ALA A 247 -12.50 -8.95 9.11
C ALA A 247 -13.73 -9.84 8.92
N PRO A 248 -14.92 -9.35 9.33
CA PRO A 248 -16.15 -10.11 8.97
C PRO A 248 -16.16 -10.29 7.47
N THR A 249 -16.65 -11.43 7.02
CA THR A 249 -16.73 -11.69 5.60
C THR A 249 -17.57 -10.61 4.85
N LYS A 250 -18.61 -10.14 5.51
CA LYS A 250 -19.60 -9.25 4.90
C LYS A 250 -19.19 -7.77 5.02
N GLN A 251 -18.08 -7.50 5.69
CA GLN A 251 -17.50 -6.14 5.70
C GLN A 251 -17.24 -5.54 4.30
N GLN A 252 -17.84 -4.36 4.07
CA GLN A 252 -17.42 -3.41 3.03
C GLN A 252 -17.72 -1.96 3.50
N PRO A 253 -17.55 -0.95 2.61
CA PRO A 253 -17.53 0.49 2.99
C PRO A 253 -18.67 0.96 3.88
N LYS B 16 -0.95 38.41 -4.16
CA LYS B 16 -1.24 36.93 -4.17
C LYS B 16 -1.41 36.41 -2.75
N LYS B 17 -1.94 35.20 -2.63
CA LYS B 17 -2.47 34.74 -1.36
C LYS B 17 -1.39 34.33 -0.36
N LEU B 18 -1.67 34.52 0.93
CA LEU B 18 -0.76 34.12 1.97
C LEU B 18 -0.46 32.60 1.97
N VAL B 19 0.80 32.27 2.19
CA VAL B 19 1.24 30.87 2.33
C VAL B 19 2.04 30.76 3.62
N VAL B 20 1.68 29.79 4.46
CA VAL B 20 2.38 29.51 5.71
C VAL B 20 3.33 28.33 5.53
N ILE B 21 4.60 28.48 5.95
CA ILE B 21 5.58 27.39 5.82
C ILE B 21 6.21 27.10 7.16
N THR B 22 6.02 25.88 7.69
CA THR B 22 6.73 25.49 8.90
C THR B 22 8.09 24.91 8.58
N GLY B 23 9.00 25.02 9.54
CA GLY B 23 10.37 24.53 9.34
C GLY B 23 11.10 25.26 8.24
N ALA B 24 10.98 26.59 8.18
CA ALA B 24 11.60 27.31 7.07
C ALA B 24 13.00 27.86 7.36
N SER B 25 13.56 27.50 8.51
CA SER B 25 14.88 28.02 8.93
C SER B 25 16.11 27.30 8.31
N SER B 26 15.89 26.23 7.56
CA SER B 26 16.92 25.59 6.76
C SER B 26 16.31 24.62 5.77
N GLY B 27 17.16 24.02 4.95
CA GLY B 27 16.80 22.89 4.12
C GLY B 27 15.61 23.06 3.22
N ILE B 28 14.77 22.04 3.20
CA ILE B 28 13.64 22.03 2.32
C ILE B 28 12.75 23.26 2.52
N GLY B 29 12.36 23.55 3.76
CA GLY B 29 11.46 24.66 4.06
C GLY B 29 11.99 26.03 3.63
N GLU B 30 13.28 26.27 3.85
CA GLU B 30 13.92 27.45 3.27
C GLU B 30 13.79 27.53 1.77
N ALA B 31 14.08 26.43 1.08
CA ALA B 31 14.01 26.44 -0.37
C ALA B 31 12.58 26.64 -0.85
N ILE B 32 11.62 26.07 -0.12
CA ILE B 32 10.22 26.31 -0.49
C ILE B 32 9.88 27.79 -0.29
N ALA B 33 10.28 28.37 0.83
CA ALA B 33 10.03 29.79 1.07
C ALA B 33 10.54 30.66 -0.08
N ARG B 34 11.76 30.38 -0.55
CA ARG B 34 12.40 31.12 -1.62
C ARG B 34 11.62 31.04 -2.92
N ARG B 35 11.06 29.86 -3.23
CA ARG B 35 10.34 29.71 -4.49
C ARG B 35 8.97 30.41 -4.44
N PHE B 36 8.26 30.26 -3.33
CA PHE B 36 6.97 30.93 -3.17
C PHE B 36 7.14 32.44 -3.10
N SER B 37 8.20 32.91 -2.45
CA SER B 37 8.48 34.34 -2.41
C SER B 37 8.78 34.89 -3.81
N GLU B 38 9.64 34.20 -4.55
CA GLU B 38 9.95 34.60 -5.92
C GLU B 38 8.72 34.65 -6.81
N GLU B 39 7.69 33.86 -6.47
CA GLU B 39 6.49 33.80 -7.27
C GLU B 39 5.52 34.89 -6.87
N GLY B 40 5.83 35.55 -5.75
CA GLY B 40 5.11 36.74 -5.32
C GLY B 40 4.15 36.53 -4.16
N HIS B 41 4.22 35.38 -3.49
CA HIS B 41 3.38 35.13 -2.32
C HIS B 41 3.98 35.78 -1.07
N PRO B 42 3.15 36.50 -0.30
CA PRO B 42 3.56 36.86 1.03
C PRO B 42 3.59 35.62 1.91
N LEU B 43 4.46 35.60 2.91
CA LEU B 43 4.73 34.36 3.65
C LEU B 43 4.57 34.55 5.15
N LEU B 44 4.10 33.52 5.83
CA LEU B 44 4.40 33.35 7.24
C LEU B 44 5.39 32.20 7.42
N LEU B 45 6.56 32.50 7.96
CA LEU B 45 7.58 31.50 8.16
C LEU B 45 7.66 31.20 9.63
N LEU B 46 7.53 29.92 9.97
CA LEU B 46 7.52 29.49 11.35
C LEU B 46 8.71 28.57 11.61
N ALA B 47 9.35 28.74 12.76
CA ALA B 47 10.52 27.93 13.13
C ALA B 47 11.02 28.46 14.45
N ARG B 48 11.92 27.73 15.08
CA ARG B 48 12.35 28.10 16.42
C ARG B 48 13.54 29.07 16.39
N ARG B 49 14.39 28.91 15.37
CA ARG B 49 15.49 29.86 15.14
C ARG B 49 14.98 31.04 14.28
N VAL B 50 14.19 31.92 14.88
CA VAL B 50 13.61 33.06 14.15
C VAL B 50 14.68 33.95 13.51
N GLU B 51 15.90 33.95 14.05
CA GLU B 51 16.91 34.84 13.52
C GLU B 51 17.46 34.40 12.16
N ARG B 52 17.50 33.09 11.91
CA ARG B 52 17.78 32.59 10.56
C ARG B 52 16.64 32.89 9.61
N LEU B 53 15.40 32.90 10.11
CA LEU B 53 14.28 33.30 9.24
C LEU B 53 14.52 34.75 8.82
N LYS B 54 14.61 35.63 9.80
CA LYS B 54 14.93 37.05 9.52
C LYS B 54 16.06 37.17 8.49
N ALA B 55 17.13 36.40 8.67
CA ALA B 55 18.28 36.50 7.76
C ALA B 55 18.03 36.10 6.31
N LEU B 56 16.95 35.36 6.04
CA LEU B 56 16.60 35.05 4.63
C LEU B 56 16.27 36.35 3.94
N ASN B 57 15.82 37.32 4.73
CA ASN B 57 15.58 38.66 4.22
C ASN B 57 14.69 38.62 2.97
N LEU B 58 13.59 37.88 3.03
CA LEU B 58 12.68 37.76 1.87
C LEU B 58 11.65 38.87 1.97
N PRO B 59 11.22 39.42 0.83
CA PRO B 59 10.21 40.48 0.88
C PRO B 59 8.90 39.94 1.43
N ASN B 60 8.08 40.82 1.99
CA ASN B 60 6.69 40.49 2.30
C ASN B 60 6.56 39.16 3.04
N THR B 61 7.38 39.00 4.07
CA THR B 61 7.55 37.72 4.76
C THR B 61 7.54 37.93 6.26
N LEU B 62 6.59 37.32 6.96
CA LEU B 62 6.53 37.43 8.41
C LEU B 62 7.26 36.27 9.04
N CYS B 63 8.10 36.57 10.02
CA CYS B 63 8.90 35.55 10.68
C CYS B 63 8.47 35.41 12.11
N ALA B 64 8.02 34.23 12.51
CA ALA B 64 7.67 34.07 13.90
C ALA B 64 8.32 32.84 14.53
N GLN B 65 8.63 32.99 15.81
CA GLN B 65 9.25 31.93 16.58
C GLN B 65 8.15 31.06 17.12
N VAL B 66 7.98 29.88 16.53
CA VAL B 66 6.87 29.02 16.90
C VAL B 66 7.40 27.59 16.88
N ASP B 67 7.19 26.87 17.97
CA ASP B 67 7.38 25.44 17.96
C ASP B 67 6.02 24.81 17.62
N VAL B 68 5.97 24.08 16.50
CA VAL B 68 4.71 23.58 15.96
C VAL B 68 3.93 22.71 16.96
N THR B 69 4.61 22.19 17.98
CA THR B 69 3.90 21.41 18.98
C THR B 69 3.11 22.29 19.93
N ASP B 70 3.48 23.57 19.99
CA ASP B 70 2.77 24.56 20.80
C ASP B 70 1.61 25.12 20.01
N LYS B 71 0.45 24.52 20.22
CA LYS B 71 -0.72 24.77 19.40
C LYS B 71 -1.23 26.22 19.54
N TYR B 72 -1.22 26.75 20.76
CA TYR B 72 -1.67 28.12 21.00
C TYR B 72 -0.84 29.17 20.23
N THR B 73 0.49 29.10 20.36
CA THR B 73 1.39 30.04 19.67
C THR B 73 1.34 29.90 18.15
N PHE B 74 1.19 28.66 17.68
CA PHE B 74 1.01 28.34 16.27
C PHE B 74 -0.25 29.03 15.70
N ASP B 75 -1.41 28.75 16.27
CA ASP B 75 -2.68 29.35 15.86
C ASP B 75 -2.64 30.89 15.86
N THR B 76 -2.06 31.46 16.91
CA THR B 76 -2.01 32.92 17.09
C THR B 76 -1.15 33.55 15.99
N ALA B 77 0.00 32.92 15.70
CA ALA B 77 0.84 33.40 14.61
C ALA B 77 0.07 33.44 13.30
N ILE B 78 -0.68 32.39 13.00
CA ILE B 78 -1.47 32.38 11.79
C ILE B 78 -2.56 33.46 11.77
N THR B 79 -3.25 33.62 12.90
CA THR B 79 -4.30 34.63 12.99
C THR B 79 -3.66 36.01 12.74
N ARG B 80 -2.58 36.29 13.47
CA ARG B 80 -1.90 37.57 13.31
C ARG B 80 -1.51 37.79 11.86
N ALA B 81 -1.04 36.74 11.18
CA ALA B 81 -0.60 36.86 9.79
C ALA B 81 -1.73 37.08 8.81
N GLU B 82 -2.90 36.50 9.11
CA GLU B 82 -4.00 36.64 8.18
C GLU B 82 -4.61 38.05 8.25
N LYS B 83 -4.48 38.71 9.41
CA LYS B 83 -4.81 40.13 9.58
C LYS B 83 -4.02 41.03 8.62
N ILE B 84 -2.78 40.67 8.36
CA ILE B 84 -1.93 41.48 7.51
C ILE B 84 -2.10 41.18 6.03
N TYR B 85 -2.17 39.92 5.66
CA TYR B 85 -2.21 39.56 4.26
C TYR B 85 -3.46 38.76 3.91
N GLY B 86 -4.38 38.61 4.84
CA GLY B 86 -5.60 37.85 4.59
C GLY B 86 -5.40 36.33 4.68
N PRO B 87 -6.49 35.56 4.53
CA PRO B 87 -6.46 34.17 4.99
C PRO B 87 -5.44 33.31 4.20
N ALA B 88 -4.80 32.38 4.88
CA ALA B 88 -3.81 31.49 4.27
C ALA B 88 -4.43 30.62 3.20
N ASP B 89 -3.93 30.69 1.97
CA ASP B 89 -4.38 29.77 0.94
C ASP B 89 -3.62 28.45 0.86
N ALA B 90 -2.43 28.41 1.47
CA ALA B 90 -1.75 27.13 1.65
C ALA B 90 -1.01 27.11 2.97
N ILE B 91 -0.84 25.91 3.52
CA ILE B 91 0.14 25.67 4.58
C ILE B 91 1.01 24.49 4.18
N VAL B 92 2.33 24.69 4.26
CA VAL B 92 3.28 23.62 4.08
C VAL B 92 3.73 23.14 5.45
N ASN B 93 3.28 21.94 5.85
CA ASN B 93 3.75 21.32 7.07
C ASN B 93 5.07 20.58 6.83
N ASN B 94 6.19 21.27 7.10
CA ASN B 94 7.52 20.80 6.75
C ASN B 94 8.41 20.60 8.01
N ALA B 95 8.12 21.29 9.10
CA ALA B 95 8.84 21.08 10.33
C ALA B 95 8.91 19.58 10.66
N GLY B 96 10.10 19.08 10.90
CA GLY B 96 10.26 17.68 11.22
C GLY B 96 11.68 17.41 11.64
N MET B 97 11.86 16.27 12.30
CA MET B 97 13.16 15.93 12.83
C MET B 97 13.37 14.42 12.71
N MET B 98 14.63 14.02 12.60
CA MET B 98 14.97 12.63 12.38
C MET B 98 15.94 12.17 13.47
N LEU B 99 15.45 11.34 14.39
CA LEU B 99 16.30 10.74 15.42
C LEU B 99 16.40 9.22 15.20
N LEU B 100 17.59 8.76 14.83
CA LEU B 100 17.76 7.40 14.35
C LEU B 100 18.15 6.52 15.52
N GLY B 101 17.89 5.22 15.40
CA GLY B 101 18.30 4.30 16.46
C GLY B 101 17.61 2.95 16.36
N GLN B 102 18.14 1.97 17.09
CA GLN B 102 17.46 0.67 17.21
C GLN B 102 16.46 0.72 18.34
N ILE B 103 15.29 0.15 18.09
CA ILE B 103 14.23 0.12 19.09
C ILE B 103 14.67 -0.48 20.41
N ASP B 104 15.55 -1.48 20.36
CA ASP B 104 15.96 -2.15 21.59
C ASP B 104 16.76 -1.25 22.55
N THR B 105 17.46 -0.25 21.99
CA THR B 105 18.29 0.66 22.79
C THR B 105 17.94 2.16 22.71
N GLN B 106 17.24 2.60 21.67
CA GLN B 106 16.93 4.04 21.50
C GLN B 106 16.24 4.70 22.69
N GLU B 107 16.75 5.87 23.08
CA GLU B 107 16.11 6.64 24.13
C GLU B 107 14.65 6.96 23.78
N ALA B 108 13.74 6.68 24.70
CA ALA B 108 12.31 6.63 24.40
C ALA B 108 11.75 8.04 24.23
N ASN B 109 12.38 9.01 24.86
CA ASN B 109 12.01 10.39 24.64
C ASN B 109 12.23 10.88 23.23
N GLU B 110 13.15 10.24 22.52
CA GLU B 110 13.31 10.52 21.11
C GLU B 110 12.06 10.19 20.28
N TRP B 111 11.43 9.06 20.60
CA TRP B 111 10.17 8.66 19.95
C TRP B 111 9.14 9.72 20.26
N GLN B 112 9.04 10.07 21.55
CA GLN B 112 8.01 10.99 21.97
C GLN B 112 8.16 12.30 21.19
N ARG B 113 9.38 12.81 21.15
CA ARG B 113 9.62 14.10 20.54
C ARG B 113 9.37 14.09 19.02
N MET B 114 9.86 13.06 18.34
CA MET B 114 9.65 12.92 16.91
C MET B 114 8.18 12.88 16.51
N PHE B 115 7.37 12.12 17.25
CA PHE B 115 5.95 11.99 16.90
C PHE B 115 5.24 13.29 17.19
N ASP B 116 5.57 13.91 18.31
CA ASP B 116 5.06 15.24 18.65
C ASP B 116 5.29 16.28 17.54
N VAL B 117 6.53 16.40 17.09
CA VAL B 117 6.88 17.34 16.02
C VAL B 117 6.34 16.86 14.68
N ASN B 118 6.67 15.64 14.29
CA ASN B 118 6.47 15.22 12.90
C ASN B 118 4.99 14.92 12.64
N VAL B 119 4.26 14.54 13.67
CA VAL B 119 2.87 14.15 13.45
C VAL B 119 1.92 15.11 14.11
N LEU B 120 2.05 15.28 15.42
CA LEU B 120 1.16 16.20 16.12
C LEU B 120 1.29 17.64 15.62
N GLY B 121 2.53 18.08 15.36
CA GLY B 121 2.79 19.44 14.88
C GLY B 121 2.08 19.64 13.57
N LEU B 122 2.14 18.59 12.74
CA LEU B 122 1.52 18.58 11.43
C LEU B 122 -0.02 18.61 11.55
N LEU B 123 -0.55 17.82 12.48
CA LEU B 123 -1.98 17.87 12.75
C LEU B 123 -2.42 19.27 13.20
N ASN B 124 -1.65 19.88 14.10
CA ASN B 124 -1.89 21.28 14.49
C ASN B 124 -2.00 22.23 13.30
N GLY B 125 -1.07 22.11 12.35
CA GLY B 125 -1.05 22.96 11.19
C GLY B 125 -2.28 22.76 10.33
N MET B 126 -2.70 21.49 10.17
CA MET B 126 -3.87 21.19 9.37
C MET B 126 -5.12 21.79 10.03
N GLN B 127 -5.30 21.55 11.33
CA GLN B 127 -6.46 22.06 12.06
C GLN B 127 -6.52 23.62 12.08
N ALA B 128 -5.37 24.27 11.94
CA ALA B 128 -5.33 25.73 11.92
C ALA B 128 -6.04 26.34 10.72
N VAL B 129 -6.08 25.62 9.59
CA VAL B 129 -6.58 26.20 8.34
C VAL B 129 -7.77 25.43 7.79
N LEU B 130 -8.03 24.25 8.32
CA LEU B 130 -8.96 23.35 7.63
C LEU B 130 -10.40 23.95 7.62
N ALA B 131 -10.92 24.32 8.78
CA ALA B 131 -12.28 24.84 8.85
C ALA B 131 -12.55 26.08 7.97
N PRO B 132 -11.68 27.09 8.05
CA PRO B 132 -11.88 28.23 7.16
C PRO B 132 -11.70 27.89 5.69
N MET B 133 -10.72 27.06 5.35
CA MET B 133 -10.59 26.63 3.95
C MET B 133 -11.87 25.95 3.43
N LYS B 134 -12.44 25.05 4.24
CA LYS B 134 -13.64 24.35 3.82
C LYS B 134 -14.76 25.36 3.59
N ALA B 135 -14.80 26.41 4.41
CA ALA B 135 -15.90 27.38 4.39
C ALA B 135 -15.83 28.27 3.17
N ARG B 136 -14.63 28.52 2.65
CA ARG B 136 -14.53 29.25 1.39
C ARG B 136 -14.38 28.38 0.19
N ASN B 137 -14.39 27.06 0.36
CA ASN B 137 -14.19 26.12 -0.76
C ASN B 137 -12.92 26.40 -1.51
N CYS B 138 -11.84 26.70 -0.79
CA CYS B 138 -10.56 26.86 -1.46
C CYS B 138 -9.48 26.62 -0.41
N GLY B 139 -8.33 26.14 -0.84
CA GLY B 139 -7.22 25.97 0.10
C GLY B 139 -6.40 24.75 -0.30
N THR B 140 -5.13 24.74 0.13
CA THR B 140 -4.19 23.67 -0.19
C THR B 140 -3.35 23.37 1.06
N ILE B 141 -3.37 22.12 1.49
CA ILE B 141 -2.50 21.69 2.59
C ILE B 141 -1.45 20.80 1.94
N ILE B 142 -0.19 21.11 2.20
CA ILE B 142 0.93 20.37 1.63
C ILE B 142 1.78 19.78 2.74
N ASN B 143 1.79 18.45 2.83
CA ASN B 143 2.52 17.77 3.88
C ASN B 143 3.79 17.15 3.37
N ILE B 144 4.89 17.42 4.05
CA ILE B 144 6.14 16.80 3.64
C ILE B 144 6.27 15.48 4.35
N SER B 145 6.06 14.41 3.61
CA SER B 145 6.30 13.09 4.13
C SER B 145 7.73 12.68 3.81
N SER B 146 7.88 11.51 3.25
CA SER B 146 9.20 11.02 2.93
C SER B 146 8.98 9.77 2.11
N ILE B 147 9.97 9.37 1.35
CA ILE B 147 9.95 8.02 0.83
C ILE B 147 10.04 6.99 1.96
N ALA B 148 10.47 7.44 3.15
CA ALA B 148 10.38 6.64 4.40
C ALA B 148 8.94 6.48 4.95
N GLY B 149 7.98 7.18 4.34
CA GLY B 149 6.55 7.04 4.63
C GLY B 149 5.88 6.01 3.72
N LYS B 150 6.67 5.44 2.80
CA LYS B 150 6.18 4.44 1.84
C LYS B 150 7.00 3.15 1.96
N LYS B 151 8.20 3.24 2.55
CA LYS B 151 9.02 2.06 2.79
C LYS B 151 9.92 2.16 4.03
N THR B 152 10.27 1.02 4.60
CA THR B 152 11.13 1.00 5.79
C THR B 152 12.64 0.96 5.46
N PHE B 153 13.46 1.38 6.43
CA PHE B 153 14.93 1.50 6.28
C PHE B 153 15.65 1.15 7.59
N PRO B 154 16.86 0.54 7.52
CA PRO B 154 17.58 0.20 8.78
C PRO B 154 17.87 1.45 9.62
N ASP B 155 17.67 1.34 10.93
CA ASP B 155 17.87 2.45 11.89
C ASP B 155 16.74 3.49 11.96
N HIS B 156 15.76 3.35 11.07
CA HIS B 156 14.75 4.39 10.86
C HIS B 156 13.37 4.06 11.45
N ALA B 157 13.28 3.07 12.34
CA ALA B 157 11.95 2.53 12.70
C ALA B 157 10.96 3.61 13.19
N ALA B 158 11.35 4.36 14.22
CA ALA B 158 10.45 5.32 14.81
C ALA B 158 10.15 6.48 13.85
N TYR B 159 11.19 6.96 13.16
CA TYR B 159 11.05 7.94 12.09
C TYR B 159 10.16 7.47 10.93
N CYS B 160 10.38 6.26 10.41
CA CYS B 160 9.46 5.67 9.44
C CYS B 160 8.03 5.67 9.97
N GLY B 161 7.85 5.27 11.22
CA GLY B 161 6.57 5.37 11.89
C GLY B 161 5.91 6.74 11.70
N THR B 162 6.66 7.82 11.96
CA THR B 162 6.05 9.15 11.91
C THR B 162 5.62 9.46 10.49
N LYS B 163 6.42 9.03 9.52
CA LYS B 163 6.14 9.37 8.14
C LYS B 163 5.03 8.55 7.50
N PHE B 164 4.94 7.27 7.86
CA PHE B 164 3.75 6.45 7.58
C PHE B 164 2.50 7.06 8.22
N ALA B 165 2.62 7.57 9.43
CA ALA B 165 1.50 8.30 10.04
C ALA B 165 1.06 9.49 9.19
N VAL B 166 2.04 10.28 8.72
CA VAL B 166 1.76 11.43 7.86
C VAL B 166 1.08 11.09 6.53
N HIS B 167 1.60 10.09 5.81
CA HIS B 167 0.91 9.52 4.66
C HIS B 167 -0.56 9.14 4.94
N ALA B 168 -0.81 8.36 5.99
CA ALA B 168 -2.21 7.92 6.24
C ALA B 168 -3.11 9.11 6.59
N ILE B 169 -2.60 10.03 7.41
CA ILE B 169 -3.40 11.18 7.85
C ILE B 169 -3.72 12.04 6.64
N SER B 170 -2.74 12.26 5.78
CA SER B 170 -2.93 13.00 4.55
C SER B 170 -3.95 12.35 3.60
N GLU B 171 -3.88 11.04 3.43
CA GLU B 171 -4.85 10.36 2.57
C GLU B 171 -6.26 10.52 3.19
N ASN B 172 -6.36 10.26 4.47
CA ASN B 172 -7.65 10.27 5.15
C ASN B 172 -8.28 11.67 5.08
N VAL B 173 -7.50 12.68 5.42
CA VAL B 173 -8.01 14.04 5.39
C VAL B 173 -8.35 14.49 3.96
N ARG B 174 -7.54 14.10 2.97
CA ARG B 174 -7.86 14.43 1.60
C ARG B 174 -9.25 13.94 1.18
N GLU B 175 -9.59 12.71 1.57
CA GLU B 175 -10.87 12.10 1.16
C GLU B 175 -12.00 12.89 1.79
N GLU B 176 -11.80 13.28 3.05
CA GLU B 176 -12.78 14.03 3.82
C GLU B 176 -13.01 15.52 3.52
N VAL B 177 -12.08 16.17 2.81
CA VAL B 177 -12.28 17.58 2.47
C VAL B 177 -12.44 17.78 0.97
N ALA B 178 -12.42 16.69 0.21
CA ALA B 178 -12.53 16.74 -1.23
C ALA B 178 -13.82 17.47 -1.61
N ALA B 179 -14.90 17.18 -0.89
CA ALA B 179 -16.23 17.72 -1.26
C ALA B 179 -16.28 19.23 -1.04
N SER B 180 -15.32 19.76 -0.25
CA SER B 180 -15.21 21.21 -0.02
C SER B 180 -14.24 21.92 -0.95
N ASN B 181 -13.76 21.22 -1.96
CA ASN B 181 -12.81 21.77 -2.92
C ASN B 181 -11.47 22.17 -2.27
N VAL B 182 -11.11 21.51 -1.18
CA VAL B 182 -9.83 21.73 -0.51
C VAL B 182 -8.86 20.62 -0.89
N ARG B 183 -7.65 20.99 -1.29
CA ARG B 183 -6.63 20.06 -1.76
C ARG B 183 -5.73 19.64 -0.60
N VAL B 184 -5.35 18.35 -0.57
CA VAL B 184 -4.38 17.88 0.42
C VAL B 184 -3.34 17.06 -0.34
N MET B 185 -2.09 17.50 -0.27
CA MET B 185 -1.01 16.94 -1.11
C MET B 185 0.12 16.42 -0.21
N THR B 186 0.73 15.31 -0.61
CA THR B 186 1.81 14.71 0.17
C THR B 186 3.03 14.81 -0.73
N ILE B 187 4.13 15.37 -0.22
CA ILE B 187 5.37 15.41 -0.98
C ILE B 187 6.33 14.44 -0.28
N ALA B 188 6.87 13.50 -1.04
CA ALA B 188 7.69 12.42 -0.46
C ALA B 188 9.11 12.42 -1.03
N PRO B 189 10.00 13.23 -0.46
CA PRO B 189 11.36 13.21 -0.97
C PRO B 189 12.23 12.14 -0.30
N SER B 190 13.43 11.95 -0.84
CA SER B 190 14.45 11.08 -0.25
C SER B 190 15.84 11.66 -0.58
N ALA B 191 16.76 11.53 0.37
CA ALA B 191 18.18 11.89 0.16
C ALA B 191 18.37 13.34 -0.28
N VAL B 192 17.78 14.27 0.46
CA VAL B 192 17.93 15.68 0.14
C VAL B 192 19.00 16.30 1.04
N LYS B 193 19.90 17.12 0.48
CA LYS B 193 20.97 17.73 1.27
C LYS B 193 20.45 18.87 2.13
N THR B 194 20.35 18.65 3.43
CA THR B 194 19.71 19.59 4.36
C THR B 194 20.38 19.38 5.71
N GLU B 195 19.82 19.95 6.77
CA GLU B 195 20.37 19.76 8.11
C GLU B 195 19.83 18.54 8.85
N LEU B 196 19.05 17.70 8.16
CA LEU B 196 18.22 16.71 8.86
C LEU B 196 19.10 15.69 9.57
N LEU B 197 20.12 15.21 8.86
CA LEU B 197 21.14 14.32 9.41
C LEU B 197 21.93 14.91 10.60
N SER B 198 22.23 16.21 10.55
CA SER B 198 22.91 16.89 11.67
C SER B 198 22.39 16.39 13.02
N GLY B 217 25.46 11.66 -8.68
CA GLY B 217 25.35 12.42 -7.44
C GLY B 217 24.00 12.23 -6.77
N GLY B 218 23.83 11.05 -6.14
CA GLY B 218 22.60 10.71 -5.42
C GLY B 218 22.35 11.53 -4.16
N VAL B 219 22.38 12.85 -4.33
CA VAL B 219 21.71 13.75 -3.39
C VAL B 219 20.84 14.75 -4.14
N LEU B 220 19.73 15.16 -3.54
CA LEU B 220 18.89 16.18 -4.13
C LEU B 220 19.26 17.51 -3.53
N ALA B 221 19.10 18.60 -4.27
CA ALA B 221 19.05 19.94 -3.66
C ALA B 221 17.68 20.16 -3.00
N ALA B 222 17.64 20.89 -1.89
CA ALA B 222 16.37 21.37 -1.32
C ALA B 222 15.48 21.97 -2.42
N ASP B 223 16.08 22.65 -3.39
CA ASP B 223 15.30 23.30 -4.42
C ASP B 223 14.61 22.33 -5.38
N ASP B 224 15.15 21.12 -5.50
CA ASP B 224 14.46 20.05 -6.22
C ASP B 224 13.10 19.78 -5.57
N VAL B 225 13.08 19.66 -4.25
CA VAL B 225 11.81 19.55 -3.54
C VAL B 225 10.92 20.77 -3.76
N ALA B 226 11.51 21.97 -3.77
CA ALA B 226 10.72 23.19 -3.80
C ALA B 226 10.03 23.41 -5.12
N ARG B 227 10.68 23.05 -6.23
CA ARG B 227 10.04 23.19 -7.52
C ARG B 227 8.81 22.29 -7.64
N ALA B 228 8.88 21.10 -7.03
CA ALA B 228 7.77 20.16 -7.07
C ALA B 228 6.60 20.68 -6.24
N VAL B 229 6.92 21.22 -5.07
CA VAL B 229 5.90 21.75 -4.18
C VAL B 229 5.19 22.90 -4.90
N LEU B 230 5.97 23.78 -5.52
CA LEU B 230 5.37 24.90 -6.24
C LEU B 230 4.55 24.44 -7.46
N PHE B 231 5.06 23.47 -8.20
CA PHE B 231 4.35 23.01 -9.38
C PHE B 231 2.97 22.45 -8.97
N ALA B 232 2.94 21.73 -7.86
CA ALA B 232 1.69 21.12 -7.40
C ALA B 232 0.70 22.23 -6.97
N TYR B 233 1.17 23.21 -6.21
CA TYR B 233 0.31 24.28 -5.74
C TYR B 233 -0.24 25.11 -6.89
N GLN B 234 0.54 25.25 -7.94
CA GLN B 234 0.19 26.11 -9.04
C GLN B 234 -0.81 25.54 -10.05
N GLN B 235 -1.13 24.25 -9.95
CA GLN B 235 -2.20 23.67 -10.75
C GLN B 235 -3.55 24.35 -10.41
N PRO B 236 -4.49 24.40 -11.36
CA PRO B 236 -5.81 24.93 -11.07
C PRO B 236 -6.39 24.29 -9.81
N GLN B 237 -7.19 25.02 -9.06
CA GLN B 237 -7.78 24.49 -7.83
C GLN B 237 -8.48 23.14 -7.98
N ASN B 238 -9.01 22.85 -9.17
CA ASN B 238 -9.82 21.62 -9.36
C ASN B 238 -8.94 20.40 -9.67
N VAL B 239 -7.64 20.63 -9.85
CA VAL B 239 -6.64 19.60 -10.06
C VAL B 239 -5.80 19.40 -8.79
N CYS B 240 -5.84 18.20 -8.23
CA CYS B 240 -5.13 17.93 -6.98
C CYS B 240 -4.02 16.93 -7.32
N ILE B 241 -2.76 17.36 -7.21
CA ILE B 241 -1.67 16.40 -7.26
C ILE B 241 -1.62 15.80 -5.88
N ARG B 242 -2.06 14.56 -5.77
CA ARG B 242 -2.19 13.95 -4.47
C ARG B 242 -0.80 13.63 -3.88
N GLU B 243 0.13 13.20 -4.72
CA GLU B 243 1.43 12.78 -4.23
C GLU B 243 2.49 13.03 -5.27
N ILE B 244 3.64 13.51 -4.83
CA ILE B 244 4.88 13.47 -5.62
C ILE B 244 5.97 12.83 -4.75
N ALA B 245 6.51 11.73 -5.24
CA ALA B 245 7.67 11.13 -4.58
C ALA B 245 8.87 11.39 -5.49
N LEU B 246 9.97 11.85 -4.90
CA LEU B 246 11.17 12.13 -5.71
C LEU B 246 12.44 11.84 -4.95
N ALA B 247 13.48 11.51 -5.71
CA ALA B 247 14.74 11.08 -5.13
C ALA B 247 15.78 11.26 -6.21
N PRO B 248 17.07 11.21 -5.83
CA PRO B 248 18.14 11.25 -6.83
C PRO B 248 17.96 10.07 -7.75
N THR B 249 18.24 10.24 -9.03
CA THR B 249 18.31 9.10 -9.93
C THR B 249 19.17 7.96 -9.38
N LYS B 250 20.32 8.31 -8.81
CA LYS B 250 21.31 7.31 -8.38
C LYS B 250 21.26 7.00 -6.90
N GLN B 251 21.64 5.78 -6.55
CA GLN B 251 22.11 5.41 -5.21
C GLN B 251 21.49 4.10 -4.68
N LYS C 16 -16.69 -34.31 3.76
CA LYS C 16 -16.73 -32.81 3.77
C LYS C 16 -16.76 -32.28 2.35
N LYS C 17 -16.75 -30.96 2.21
CA LYS C 17 -17.00 -30.34 0.90
C LYS C 17 -15.80 -30.46 -0.04
N LEU C 18 -16.08 -30.53 -1.34
CA LEU C 18 -15.03 -30.57 -2.35
C LEU C 18 -14.12 -29.32 -2.33
N VAL C 19 -12.81 -29.56 -2.45
CA VAL C 19 -11.81 -28.50 -2.62
C VAL C 19 -11.04 -28.72 -3.92
N VAL C 20 -10.97 -27.69 -4.77
CA VAL C 20 -10.16 -27.75 -5.98
C VAL C 20 -8.79 -27.10 -5.75
N ILE C 21 -7.70 -27.79 -6.10
CA ILE C 21 -6.35 -27.22 -5.92
C ILE C 21 -5.58 -27.23 -7.24
N THR C 22 -5.18 -26.05 -7.72
CA THR C 22 -4.37 -26.01 -8.94
C THR C 22 -2.90 -26.06 -8.58
N GLY C 23 -2.08 -26.57 -9.50
CA GLY C 23 -0.63 -26.66 -9.28
C GLY C 23 -0.29 -27.61 -8.15
N ALA C 24 -0.97 -28.75 -8.09
CA ALA C 24 -0.83 -29.65 -6.95
C ALA C 24 0.23 -30.73 -7.11
N SER C 25 1.00 -30.70 -8.19
CA SER C 25 1.97 -31.76 -8.49
C SER C 25 3.35 -31.63 -7.81
N SER C 26 3.60 -30.50 -7.17
CA SER C 26 4.80 -30.33 -6.35
C SER C 26 4.60 -29.20 -5.38
N GLY C 27 5.59 -29.00 -4.52
CA GLY C 27 5.70 -27.81 -3.71
C GLY C 27 4.49 -27.47 -2.86
N ILE C 28 4.15 -26.20 -2.86
CA ILE C 28 3.09 -25.73 -2.01
C ILE C 28 1.75 -26.44 -2.27
N GLY C 29 1.39 -26.58 -3.53
CA GLY C 29 0.11 -27.20 -3.92
C GLY C 29 -0.02 -28.65 -3.46
N GLU C 30 1.06 -29.41 -3.61
CA GLU C 30 1.11 -30.75 -3.01
C GLU C 30 0.90 -30.76 -1.49
N ALA C 31 1.63 -29.89 -0.79
CA ALA C 31 1.51 -29.82 0.65
C ALA C 31 0.11 -29.44 1.11
N ILE C 32 -0.53 -28.52 0.37
CA ILE C 32 -1.89 -28.13 0.67
C ILE C 32 -2.85 -29.30 0.44
N ALA C 33 -2.64 -30.05 -0.64
CA ALA C 33 -3.48 -31.20 -0.93
C ALA C 33 -3.45 -32.22 0.20
N ARG C 34 -2.25 -32.50 0.73
CA ARG C 34 -2.07 -33.45 1.81
C ARG C 34 -2.79 -33.01 3.07
N ARG C 35 -2.70 -31.72 3.40
CA ARG C 35 -3.35 -31.21 4.59
C ARG C 35 -4.88 -31.26 4.46
N PHE C 36 -5.41 -30.86 3.30
CA PHE C 36 -6.86 -30.90 3.09
C PHE C 36 -7.38 -32.33 3.02
N SER C 37 -6.61 -33.24 2.44
CA SER C 37 -7.02 -34.64 2.37
C SER C 37 -7.03 -35.27 3.75
N GLU C 38 -6.00 -35.00 4.53
CA GLU C 38 -5.92 -35.52 5.88
C GLU C 38 -7.04 -34.99 6.75
N GLU C 39 -7.61 -33.85 6.36
CA GLU C 39 -8.68 -33.26 7.12
C GLU C 39 -10.04 -33.77 6.66
N GLY C 40 -10.04 -34.52 5.54
CA GLY C 40 -11.20 -35.29 5.12
C GLY C 40 -11.99 -34.72 3.94
N HIS C 41 -11.40 -33.75 3.23
CA HIS C 41 -12.02 -33.20 2.02
C HIS C 41 -11.71 -34.06 0.82
N PRO C 42 -12.73 -34.37 -0.01
CA PRO C 42 -12.40 -34.86 -1.31
C PRO C 42 -11.80 -33.74 -2.15
N LEU C 43 -10.93 -34.10 -3.11
CA LEU C 43 -10.15 -33.07 -3.83
C LEU C 43 -10.27 -33.22 -5.33
N LEU C 44 -10.20 -32.10 -6.03
CA LEU C 44 -9.81 -32.10 -7.42
C LEU C 44 -8.42 -31.47 -7.57
N LEU C 45 -7.47 -32.28 -8.05
CA LEU C 45 -6.10 -31.81 -8.27
C LEU C 45 -5.88 -31.56 -9.72
N LEU C 46 -5.42 -30.35 -10.05
CA LEU C 46 -5.22 -29.98 -11.44
C LEU C 46 -3.76 -29.65 -11.64
N ALA C 47 -3.20 -30.09 -12.77
CA ALA C 47 -1.80 -29.78 -13.13
C ALA C 47 -1.49 -30.53 -14.39
N ARG C 48 -0.33 -30.25 -14.97
CA ARG C 48 -0.03 -30.83 -16.26
C ARG C 48 0.61 -32.21 -16.14
N ARG C 49 1.38 -32.43 -15.07
CA ARG C 49 1.98 -33.75 -14.83
C ARG C 49 1.01 -34.61 -14.03
N VAL C 50 -0.05 -35.05 -14.69
CA VAL C 50 -1.10 -35.83 -14.05
C VAL C 50 -0.55 -37.05 -13.29
N GLU C 51 0.57 -37.60 -13.75
CA GLU C 51 1.08 -38.82 -13.13
C GLU C 51 1.77 -38.58 -11.78
N ARG C 52 2.32 -37.38 -11.57
CA ARG C 52 2.77 -36.97 -10.24
C ARG C 52 1.58 -36.83 -9.31
N LEU C 53 0.46 -36.38 -9.85
CA LEU C 53 -0.76 -36.23 -9.06
C LEU C 53 -1.23 -37.61 -8.59
N LYS C 54 -1.42 -38.52 -9.55
CA LYS C 54 -1.78 -39.91 -9.22
C LYS C 54 -0.80 -40.51 -8.20
N ALA C 55 0.48 -40.26 -8.40
CA ALA C 55 1.49 -40.80 -7.48
C ALA C 55 1.37 -40.32 -6.05
N LEU C 56 0.64 -39.23 -5.81
CA LEU C 56 0.36 -38.79 -4.43
C LEU C 56 -0.49 -39.81 -3.73
N ASN C 57 -1.29 -40.54 -4.51
CA ASN C 57 -2.13 -41.62 -3.98
C ASN C 57 -2.99 -41.20 -2.77
N LEU C 58 -3.68 -40.07 -2.88
CA LEU C 58 -4.49 -39.58 -1.75
C LEU C 58 -5.91 -40.11 -1.86
N PRO C 59 -6.57 -40.38 -0.72
CA PRO C 59 -7.94 -40.88 -0.77
C PRO C 59 -8.88 -39.87 -1.40
N ASN C 60 -9.91 -40.35 -2.10
CA ASN C 60 -10.99 -39.48 -2.54
C ASN C 60 -10.48 -38.25 -3.29
N THR C 61 -9.60 -38.49 -4.25
CA THR C 61 -8.86 -37.42 -4.90
C THR C 61 -8.89 -37.61 -6.40
N LEU C 62 -9.53 -36.69 -7.12
CA LEU C 62 -9.56 -36.74 -8.57
C LEU C 62 -8.37 -36.00 -9.14
N CYS C 63 -7.62 -36.67 -10.00
CA CYS C 63 -6.45 -36.08 -10.63
C CYS C 63 -6.76 -35.81 -12.08
N ALA C 64 -6.73 -34.54 -12.48
CA ALA C 64 -7.00 -34.22 -13.87
C ALA C 64 -5.84 -33.45 -14.50
N GLN C 65 -5.59 -33.71 -15.77
CA GLN C 65 -4.56 -33.02 -16.51
C GLN C 65 -5.11 -31.74 -17.11
N VAL C 66 -4.73 -30.60 -16.55
CA VAL C 66 -5.33 -29.34 -16.94
C VAL C 66 -4.25 -28.26 -16.90
N ASP C 67 -4.14 -27.51 -17.99
CA ASP C 67 -3.41 -26.27 -17.97
C ASP C 67 -4.42 -25.15 -17.62
N VAL C 68 -4.15 -24.43 -16.53
CA VAL C 68 -5.07 -23.42 -16.01
C VAL C 68 -5.37 -22.33 -17.03
N THR C 69 -4.47 -22.12 -17.98
CA THR C 69 -4.74 -21.15 -19.04
C THR C 69 -5.75 -21.71 -20.04
N ASP C 70 -5.94 -23.02 -20.02
CA ASP C 70 -6.91 -23.68 -20.89
C ASP C 70 -8.29 -23.65 -20.22
N LYS C 71 -9.01 -22.56 -20.45
CA LYS C 71 -10.24 -22.29 -19.73
C LYS C 71 -11.30 -23.41 -19.90
N TYR C 72 -11.46 -23.91 -21.13
CA TYR C 72 -12.48 -24.93 -21.39
C TYR C 72 -12.24 -26.21 -20.56
N THR C 73 -11.02 -26.74 -20.65
CA THR C 73 -10.64 -27.95 -19.93
C THR C 73 -10.70 -27.77 -18.43
N PHE C 74 -10.37 -26.56 -17.99
CA PHE C 74 -10.42 -26.16 -16.59
C PHE C 74 -11.88 -26.25 -16.09
N ASP C 75 -12.78 -25.48 -16.70
CA ASP C 75 -14.18 -25.49 -16.29
C ASP C 75 -14.79 -26.91 -16.33
N THR C 76 -14.47 -27.65 -17.38
CA THR C 76 -15.02 -28.99 -17.58
C THR C 76 -14.57 -29.92 -16.45
N ALA C 77 -13.28 -29.87 -16.11
CA ALA C 77 -12.76 -30.68 -15.02
C ALA C 77 -13.51 -30.41 -13.72
N ILE C 78 -13.73 -29.14 -13.41
CA ILE C 78 -14.49 -28.78 -12.23
C ILE C 78 -15.94 -29.28 -12.28
N THR C 79 -16.60 -29.11 -13.41
CA THR C 79 -17.97 -29.60 -13.57
C THR C 79 -18.00 -31.11 -13.30
N ARG C 80 -17.08 -31.83 -13.94
CA ARG C 80 -17.00 -33.27 -13.74
C ARG C 80 -16.80 -33.62 -12.26
N ALA C 81 -15.95 -32.88 -11.57
CA ALA C 81 -15.67 -33.17 -10.17
C ALA C 81 -16.85 -32.92 -9.26
N GLU C 82 -17.66 -31.92 -9.60
CA GLU C 82 -18.78 -31.53 -8.75
C GLU C 82 -19.96 -32.52 -8.87
N LYS C 83 -20.13 -33.13 -10.04
CA LYS C 83 -20.97 -34.34 -10.20
C LYS C 83 -20.64 -35.45 -9.20
N ILE C 84 -19.36 -35.69 -8.97
CA ILE C 84 -18.94 -36.74 -8.05
C ILE C 84 -19.07 -36.39 -6.57
N TYR C 85 -18.65 -35.20 -6.19
CA TYR C 85 -18.49 -34.90 -4.78
C TYR C 85 -19.26 -33.66 -4.37
N GLY C 86 -20.02 -33.09 -5.29
CA GLY C 86 -20.76 -31.87 -4.96
C GLY C 86 -20.02 -30.58 -5.26
N PRO C 87 -20.72 -29.44 -5.15
CA PRO C 87 -20.13 -28.16 -5.57
C PRO C 87 -18.84 -27.85 -4.79
N ALA C 88 -17.88 -27.23 -5.47
CA ALA C 88 -16.61 -26.86 -4.82
C ALA C 88 -16.87 -25.79 -3.77
N ASP C 89 -16.46 -26.04 -2.54
CA ASP C 89 -16.57 -24.99 -1.53
C ASP C 89 -15.34 -24.09 -1.46
N ALA C 90 -14.21 -24.55 -2.01
CA ALA C 90 -13.01 -23.71 -2.07
C ALA C 90 -12.24 -24.04 -3.34
N ILE C 91 -11.60 -23.03 -3.91
CA ILE C 91 -10.54 -23.26 -4.90
C ILE C 91 -9.25 -22.59 -4.41
N VAL C 92 -8.15 -23.32 -4.51
CA VAL C 92 -6.84 -22.79 -4.25
C VAL C 92 -6.14 -22.54 -5.61
N ASN C 93 -6.01 -21.27 -5.97
CA ASN C 93 -5.33 -20.91 -7.19
C ASN C 93 -3.86 -20.79 -6.87
N ASN C 94 -3.14 -21.91 -7.04
CA ASN C 94 -1.76 -22.04 -6.64
C ASN C 94 -0.82 -22.25 -7.84
N ALA C 95 -1.34 -22.75 -8.96
CA ALA C 95 -0.51 -22.90 -10.15
C ALA C 95 0.19 -21.59 -10.47
N GLY C 96 1.50 -21.66 -10.66
CA GLY C 96 2.24 -20.45 -11.01
C GLY C 96 3.65 -20.77 -11.41
N MET C 97 4.31 -19.81 -12.05
CA MET C 97 5.68 -20.02 -12.48
C MET C 97 6.50 -18.76 -12.35
N MET C 98 7.81 -18.93 -12.23
CA MET C 98 8.69 -17.81 -11.96
C MET C 98 9.83 -17.83 -12.94
N LEU C 99 9.78 -16.91 -13.91
CA LEU C 99 10.87 -16.70 -14.88
C LEU C 99 11.56 -15.36 -14.62
N LEU C 100 12.81 -15.45 -14.16
CA LEU C 100 13.57 -14.30 -13.65
C LEU C 100 14.33 -13.68 -14.81
N GLY C 101 14.63 -12.39 -14.70
CA GLY C 101 15.40 -11.72 -15.75
C GLY C 101 15.41 -10.21 -15.61
N GLN C 102 16.33 -9.56 -16.33
CA GLN C 102 16.31 -8.11 -16.42
C GLN C 102 15.43 -7.72 -17.60
N ILE C 103 14.59 -6.71 -17.42
CA ILE C 103 13.69 -6.31 -18.49
C ILE C 103 14.38 -5.95 -19.79
N ASP C 104 15.58 -5.39 -19.71
CA ASP C 104 16.28 -4.95 -20.92
C ASP C 104 16.69 -6.11 -21.85
N THR C 105 16.85 -7.31 -21.31
CA THR C 105 17.24 -8.48 -22.11
C THR C 105 16.23 -9.65 -22.10
N GLN C 106 15.37 -9.71 -21.08
CA GLN C 106 14.48 -10.87 -20.93
C GLN C 106 13.66 -11.24 -22.15
N GLU C 107 13.63 -12.52 -22.47
CA GLU C 107 12.75 -13.01 -23.53
C GLU C 107 11.28 -12.69 -23.23
N ALA C 108 10.63 -12.02 -24.18
CA ALA C 108 9.35 -11.39 -23.92
C ALA C 108 8.29 -12.47 -23.76
N ASN C 109 8.48 -13.60 -24.41
CA ASN C 109 7.56 -14.69 -24.24
C ASN C 109 7.46 -15.20 -22.81
N GLU C 110 8.54 -15.04 -22.05
CA GLU C 110 8.53 -15.39 -20.65
C GLU C 110 7.50 -14.55 -19.88
N TRP C 111 7.37 -13.28 -20.27
CA TRP C 111 6.42 -12.36 -19.63
C TRP C 111 5.04 -12.87 -19.97
N GLN C 112 4.84 -13.08 -21.27
CA GLN C 112 3.55 -13.48 -21.78
C GLN C 112 3.04 -14.71 -21.03
N ARG C 113 3.94 -15.67 -20.83
CA ARG C 113 3.53 -16.95 -20.27
C ARG C 113 3.35 -16.88 -18.75
N MET C 114 4.24 -16.16 -18.08
CA MET C 114 4.06 -15.86 -16.67
C MET C 114 2.71 -15.19 -16.38
N PHE C 115 2.37 -14.16 -17.15
CA PHE C 115 1.12 -13.47 -16.86
C PHE C 115 -0.06 -14.37 -17.16
N ASP C 116 0.01 -15.09 -18.28
CA ASP C 116 -1.01 -16.06 -18.66
C ASP C 116 -1.31 -17.10 -17.56
N VAL C 117 -0.26 -17.72 -17.04
CA VAL C 117 -0.39 -18.69 -15.95
C VAL C 117 -0.73 -18.03 -14.60
N ASN C 118 0.10 -17.06 -14.19
CA ASN C 118 0.02 -16.55 -12.82
C ASN C 118 -1.22 -15.68 -12.64
N VAL C 119 -1.69 -15.05 -13.71
CA VAL C 119 -2.79 -14.10 -13.58
C VAL C 119 -4.05 -14.59 -14.28
N LEU C 120 -3.98 -14.80 -15.59
CA LEU C 120 -5.17 -15.28 -16.30
C LEU C 120 -5.65 -16.66 -15.84
N GLY C 121 -4.71 -17.57 -15.55
CA GLY C 121 -5.04 -18.88 -14.98
C GLY C 121 -5.84 -18.75 -13.70
N LEU C 122 -5.42 -17.80 -12.88
CA LEU C 122 -6.03 -17.57 -11.57
C LEU C 122 -7.42 -16.94 -11.75
N LEU C 123 -7.52 -16.00 -12.69
CA LEU C 123 -8.82 -15.42 -13.03
C LEU C 123 -9.78 -16.49 -13.52
N ASN C 124 -9.26 -17.43 -14.32
CA ASN C 124 -10.07 -18.54 -14.84
C ASN C 124 -10.63 -19.36 -13.69
N GLY C 125 -9.80 -19.61 -12.67
CA GLY C 125 -10.20 -20.39 -11.53
C GLY C 125 -11.23 -19.66 -10.70
N MET C 126 -11.08 -18.35 -10.55
CA MET C 126 -12.07 -17.58 -9.83
C MET C 126 -13.41 -17.60 -10.56
N GLN C 127 -13.42 -17.34 -11.86
CA GLN C 127 -14.68 -17.28 -12.63
C GLN C 127 -15.39 -18.66 -12.64
N ALA C 128 -14.62 -19.73 -12.52
CA ALA C 128 -15.18 -21.08 -12.50
C ALA C 128 -16.14 -21.33 -11.33
N VAL C 129 -15.91 -20.70 -10.17
CA VAL C 129 -16.67 -21.00 -8.97
C VAL C 129 -17.48 -19.81 -8.44
N LEU C 130 -17.25 -18.62 -8.98
CA LEU C 130 -17.72 -17.39 -8.33
C LEU C 130 -19.26 -17.30 -8.30
N ALA C 131 -19.89 -17.41 -9.47
CA ALA C 131 -21.35 -17.25 -9.60
C ALA C 131 -22.13 -18.29 -8.78
N PRO C 132 -21.78 -19.58 -8.91
CA PRO C 132 -22.40 -20.57 -8.03
C PRO C 132 -22.14 -20.33 -6.55
N MET C 133 -20.95 -19.93 -6.16
CA MET C 133 -20.69 -19.63 -4.74
C MET C 133 -21.55 -18.46 -4.27
N LYS C 134 -21.61 -17.40 -5.08
CA LYS C 134 -22.48 -16.28 -4.77
C LYS C 134 -23.92 -16.78 -4.56
N ALA C 135 -24.40 -17.64 -5.46
CA ALA C 135 -25.79 -18.12 -5.41
C ALA C 135 -26.06 -18.94 -4.16
N ARG C 136 -25.05 -19.68 -3.71
CA ARG C 136 -25.15 -20.51 -2.51
C ARG C 136 -25.01 -19.65 -1.27
N ASN C 137 -24.53 -18.41 -1.44
CA ASN C 137 -24.00 -17.59 -0.31
C ASN C 137 -22.99 -18.34 0.53
N CYS C 138 -22.07 -19.04 -0.12
CA CYS C 138 -21.03 -19.72 0.64
C CYS C 138 -19.86 -19.99 -0.29
N GLY C 139 -18.69 -20.21 0.26
CA GLY C 139 -17.53 -20.51 -0.59
C GLY C 139 -16.32 -19.71 -0.18
N THR C 140 -15.15 -20.16 -0.65
CA THR C 140 -13.86 -19.59 -0.30
C THR C 140 -12.93 -19.67 -1.51
N ILE C 141 -12.39 -18.53 -1.93
CA ILE C 141 -11.36 -18.53 -2.97
C ILE C 141 -10.05 -18.20 -2.28
N ILE C 142 -9.04 -19.03 -2.51
CA ILE C 142 -7.74 -18.83 -1.88
C ILE C 142 -6.65 -18.68 -2.96
N ASN C 143 -6.10 -17.48 -3.05
CA ASN C 143 -5.12 -17.18 -4.09
C ASN C 143 -3.73 -17.15 -3.48
N ILE C 144 -2.81 -17.85 -4.12
CA ILE C 144 -1.43 -17.85 -3.64
C ILE C 144 -0.67 -16.74 -4.31
N SER C 145 -0.38 -15.70 -3.55
CA SER C 145 0.36 -14.57 -4.04
C SER C 145 1.82 -14.77 -3.65
N SER C 146 2.42 -13.75 -3.08
CA SER C 146 3.81 -13.81 -2.67
C SER C 146 4.06 -12.57 -1.87
N ILE C 147 5.08 -12.61 -1.02
CA ILE C 147 5.68 -11.37 -0.53
C ILE C 147 6.24 -10.51 -1.70
N ALA C 148 6.54 -11.15 -2.83
CA ALA C 148 6.80 -10.44 -4.10
C ALA C 148 5.59 -9.67 -4.70
N GLY C 149 4.41 -9.88 -4.13
CA GLY C 149 3.20 -9.12 -4.47
C GLY C 149 2.97 -7.93 -3.55
N LYS C 150 3.83 -7.80 -2.54
CA LYS C 150 3.84 -6.66 -1.61
C LYS C 150 5.12 -5.80 -1.76
N LYS C 151 6.13 -6.37 -2.41
CA LYS C 151 7.53 -5.90 -2.30
C LYS C 151 8.25 -6.28 -3.60
N THR C 152 9.09 -5.36 -4.12
CA THR C 152 9.91 -5.67 -5.28
C THR C 152 11.28 -6.30 -4.92
N PHE C 153 11.88 -7.03 -5.87
CA PHE C 153 13.17 -7.74 -5.70
C PHE C 153 14.01 -7.74 -6.99
N PRO C 154 15.36 -7.66 -6.87
CA PRO C 154 16.20 -7.65 -8.10
C PRO C 154 15.93 -8.89 -8.97
N ASP C 155 15.83 -8.69 -10.28
CA ASP C 155 15.66 -9.80 -11.22
C ASP C 155 14.19 -10.30 -11.35
N HIS C 156 13.30 -9.81 -10.51
CA HIS C 156 11.93 -10.35 -10.38
C HIS C 156 10.87 -9.44 -11.03
N ALA C 157 11.26 -8.48 -11.88
CA ALA C 157 10.31 -7.44 -12.27
C ALA C 157 8.98 -8.01 -12.82
N ALA C 158 9.07 -8.92 -13.78
CA ALA C 158 7.87 -9.38 -14.45
C ALA C 158 7.07 -10.28 -13.50
N TYR C 159 7.77 -11.15 -12.77
CA TYR C 159 7.16 -11.98 -11.73
C TYR C 159 6.46 -11.17 -10.62
N CYS C 160 7.15 -10.15 -10.07
CA CYS C 160 6.55 -9.21 -9.13
C CYS C 160 5.32 -8.57 -9.75
N GLY C 161 5.43 -8.18 -11.00
CA GLY C 161 4.24 -7.71 -11.73
C GLY C 161 3.06 -8.66 -11.58
N THR C 162 3.29 -9.97 -11.79
CA THR C 162 2.16 -10.91 -11.77
C THR C 162 1.57 -11.01 -10.38
N LYS C 163 2.41 -10.94 -9.36
CA LYS C 163 1.94 -11.11 -8.01
C LYS C 163 1.27 -9.87 -7.42
N PHE C 164 1.75 -8.69 -7.79
CA PHE C 164 1.02 -7.47 -7.50
C PHE C 164 -0.35 -7.49 -8.17
N ALA C 165 -0.43 -8.01 -9.38
CA ALA C 165 -1.72 -8.16 -10.07
C ALA C 165 -2.64 -9.07 -9.29
N VAL C 166 -2.09 -10.17 -8.75
CA VAL C 166 -2.87 -11.11 -7.98
C VAL C 166 -3.41 -10.52 -6.67
N HIS C 167 -2.56 -9.78 -5.95
CA HIS C 167 -3.02 -8.99 -4.81
C HIS C 167 -4.19 -8.03 -5.13
N ALA C 168 -4.05 -7.22 -6.17
CA ALA C 168 -5.10 -6.23 -6.51
C ALA C 168 -6.41 -6.93 -6.88
N ILE C 169 -6.32 -7.96 -7.72
CA ILE C 169 -7.48 -8.70 -8.19
C ILE C 169 -8.22 -9.32 -7.00
N SER C 170 -7.47 -9.94 -6.10
CA SER C 170 -7.99 -10.51 -4.91
C SER C 170 -8.68 -9.51 -3.99
N GLU C 171 -8.05 -8.34 -3.77
CA GLU C 171 -8.66 -7.32 -2.95
C GLU C 171 -9.99 -6.86 -3.60
N ASN C 172 -9.95 -6.60 -4.89
CA ASN C 172 -11.11 -6.09 -5.61
C ASN C 172 -12.27 -7.07 -5.59
N VAL C 173 -11.97 -8.33 -5.93
CA VAL C 173 -13.02 -9.34 -5.92
C VAL C 173 -13.52 -9.58 -4.50
N ARG C 174 -12.66 -9.56 -3.50
CA ARG C 174 -13.14 -9.69 -2.11
C ARG C 174 -14.22 -8.64 -1.78
N GLU C 175 -14.01 -7.39 -2.20
CA GLU C 175 -14.95 -6.31 -1.88
C GLU C 175 -16.28 -6.53 -2.59
N GLU C 176 -16.22 -7.06 -3.80
CA GLU C 176 -17.39 -7.27 -4.62
C GLU C 176 -18.24 -8.49 -4.29
N VAL C 177 -17.68 -9.48 -3.60
CA VAL C 177 -18.45 -10.67 -3.26
C VAL C 177 -18.73 -10.79 -1.76
N ALA C 178 -18.27 -9.79 -0.98
CA ALA C 178 -18.45 -9.79 0.46
C ALA C 178 -19.94 -9.89 0.81
N ALA C 179 -20.77 -9.15 0.06
CA ALA C 179 -22.22 -9.10 0.35
C ALA C 179 -22.88 -10.48 0.13
N SER C 180 -22.25 -11.33 -0.68
CA SER C 180 -22.74 -12.69 -0.93
C SER C 180 -22.22 -13.77 0.03
N ASN C 181 -21.55 -13.34 1.10
CA ASN C 181 -20.96 -14.26 2.07
C ASN C 181 -19.86 -15.18 1.51
N VAL C 182 -19.21 -14.73 0.43
CA VAL C 182 -18.11 -15.50 -0.18
C VAL C 182 -16.77 -14.90 0.27
N ARG C 183 -15.84 -15.76 0.71
CA ARG C 183 -14.56 -15.33 1.26
C ARG C 183 -13.50 -15.33 0.14
N VAL C 184 -12.62 -14.33 0.16
CA VAL C 184 -11.51 -14.30 -0.79
C VAL C 184 -10.25 -13.96 0.02
N MET C 185 -9.26 -14.83 -0.08
CA MET C 185 -8.09 -14.80 0.81
C MET C 185 -6.81 -14.84 -0.03
N THR C 186 -5.80 -14.11 0.40
CA THR C 186 -4.53 -14.08 -0.31
C THR C 186 -3.52 -14.63 0.68
N ILE C 187 -2.80 -15.66 0.26
CA ILE C 187 -1.70 -16.18 1.06
C ILE C 187 -0.41 -15.68 0.38
N ALA C 188 0.48 -15.08 1.18
CA ALA C 188 1.67 -14.44 0.62
C ALA C 188 2.95 -15.06 1.24
N PRO C 189 3.44 -16.18 0.69
CA PRO C 189 4.64 -16.77 1.29
C PRO C 189 5.92 -16.16 0.68
N SER C 190 7.07 -16.49 1.28
CA SER C 190 8.36 -16.14 0.73
C SER C 190 9.37 -17.25 1.07
N ALA C 191 10.24 -17.57 0.12
CA ALA C 191 11.39 -18.48 0.33
C ALA C 191 10.92 -19.84 0.82
N VAL C 192 10.12 -20.52 0.00
CA VAL C 192 9.60 -21.82 0.40
C VAL C 192 10.34 -22.84 -0.45
N LYS C 193 10.85 -23.90 0.20
CA LYS C 193 11.53 -24.97 -0.54
C LYS C 193 10.57 -25.73 -1.46
N THR C 194 10.67 -25.47 -2.76
CA THR C 194 9.78 -26.10 -3.74
C THR C 194 10.55 -26.22 -5.05
N GLU C 195 9.87 -26.61 -6.13
CA GLU C 195 10.46 -26.54 -7.47
C GLU C 195 10.45 -25.18 -8.18
N LEU C 196 10.02 -24.11 -7.49
CA LEU C 196 9.73 -22.83 -8.19
C LEU C 196 10.95 -22.45 -9.04
N LEU C 197 12.13 -22.72 -8.50
CA LEU C 197 13.31 -21.89 -8.66
C LEU C 197 14.12 -22.61 -9.75
N SER C 198 13.94 -23.93 -9.82
CA SER C 198 14.33 -24.74 -10.99
C SER C 198 14.15 -23.96 -12.29
N GLY C 217 18.87 -22.20 7.79
CA GLY C 217 18.04 -21.22 7.12
C GLY C 217 16.82 -20.91 7.97
N GLY C 218 15.94 -20.05 7.46
CA GLY C 218 16.13 -19.39 6.16
C GLY C 218 15.28 -19.88 4.99
N VAL C 219 14.66 -21.04 5.14
CA VAL C 219 13.70 -21.50 4.13
C VAL C 219 12.46 -22.13 4.76
N LEU C 220 11.30 -21.95 4.13
CA LEU C 220 10.05 -22.52 4.67
C LEU C 220 9.86 -23.89 4.05
N ALA C 221 9.27 -24.80 4.78
CA ALA C 221 8.72 -26.03 4.18
C ALA C 221 7.36 -25.73 3.53
N ALA C 222 7.05 -26.42 2.44
CA ALA C 222 5.74 -26.26 1.79
C ALA C 222 4.61 -26.41 2.81
N ASP C 223 4.81 -27.27 3.81
CA ASP C 223 3.77 -27.51 4.80
C ASP C 223 3.51 -26.33 5.72
N ASP C 224 4.51 -25.46 5.84
CA ASP C 224 4.31 -24.20 6.55
C ASP C 224 3.21 -23.37 5.86
N VAL C 225 3.29 -23.27 4.54
CA VAL C 225 2.22 -22.64 3.78
C VAL C 225 0.88 -23.39 3.97
N ALA C 226 0.91 -24.73 3.89
CA ALA C 226 -0.31 -25.51 3.95
C ALA C 226 -1.09 -25.38 5.24
N ARG C 227 -0.39 -25.35 6.37
CA ARG C 227 -1.04 -25.13 7.64
C ARG C 227 -1.76 -23.76 7.72
N ALA C 228 -1.13 -22.71 7.17
CA ALA C 228 -1.79 -21.41 7.15
C ALA C 228 -3.05 -21.40 6.24
N VAL C 229 -2.94 -22.05 5.09
CA VAL C 229 -4.05 -22.13 4.18
C VAL C 229 -5.22 -22.87 4.85
N LEU C 230 -4.92 -24.00 5.48
CA LEU C 230 -5.96 -24.75 6.18
C LEU C 230 -6.56 -23.96 7.34
N PHE C 231 -5.71 -23.30 8.12
CA PHE C 231 -6.21 -22.52 9.24
C PHE C 231 -7.20 -21.45 8.75
N ALA C 232 -6.88 -20.79 7.65
CA ALA C 232 -7.77 -19.74 7.13
C ALA C 232 -9.13 -20.32 6.66
N TYR C 233 -9.09 -21.38 5.87
CA TYR C 233 -10.32 -22.02 5.40
C TYR C 233 -11.23 -22.48 6.55
N GLN C 234 -10.65 -22.92 7.66
CA GLN C 234 -11.39 -23.60 8.71
C GLN C 234 -12.04 -22.67 9.73
N GLN C 235 -11.83 -21.37 9.57
CA GLN C 235 -12.56 -20.38 10.38
C GLN C 235 -14.05 -20.44 9.99
N PRO C 236 -14.95 -20.07 10.92
CA PRO C 236 -16.36 -19.94 10.54
C PRO C 236 -16.51 -19.12 9.24
N GLN C 237 -17.54 -19.42 8.46
CA GLN C 237 -17.72 -18.75 7.20
C GLN C 237 -17.82 -17.22 7.28
N ASN C 238 -18.28 -16.70 8.42
CA ASN C 238 -18.41 -15.26 8.60
C ASN C 238 -17.09 -14.56 8.96
N VAL C 239 -16.04 -15.35 9.17
CA VAL C 239 -14.70 -14.83 9.47
C VAL C 239 -13.82 -14.98 8.23
N CYS C 240 -13.36 -13.86 7.68
CA CYS C 240 -12.54 -13.89 6.47
C CYS C 240 -11.14 -13.44 6.83
N ILE C 241 -10.20 -14.38 6.91
CA ILE C 241 -8.78 -14.04 7.00
C ILE C 241 -8.38 -13.55 5.63
N ARG C 242 -8.30 -12.23 5.49
CA ARG C 242 -8.09 -11.65 4.17
C ARG C 242 -6.69 -11.92 3.61
N GLU C 243 -5.71 -11.95 4.50
CA GLU C 243 -4.33 -12.08 4.07
C GLU C 243 -3.51 -12.74 5.16
N ILE C 244 -2.64 -13.67 4.75
CA ILE C 244 -1.54 -14.14 5.60
C ILE C 244 -0.24 -14.04 4.80
N ALA C 245 0.72 -13.29 5.33
CA ALA C 245 2.06 -13.25 4.76
C ALA C 245 3.00 -14.01 5.71
N LEU C 246 3.81 -14.89 5.15
CA LEU C 246 4.74 -15.63 6.00
C LEU C 246 6.05 -15.89 5.29
N ALA C 247 7.08 -16.08 6.10
CA ALA C 247 8.43 -16.24 5.58
C ALA C 247 9.27 -16.85 6.71
N PRO C 248 10.45 -17.33 6.36
CA PRO C 248 11.38 -17.79 7.40
C PRO C 248 11.70 -16.61 8.33
N THR C 249 11.83 -16.89 9.62
CA THR C 249 12.25 -15.84 10.53
C THR C 249 13.52 -15.17 10.06
N LYS C 250 14.44 -15.97 9.54
CA LYS C 250 15.79 -15.50 9.19
C LYS C 250 15.94 -15.28 7.70
N GLN C 251 16.86 -14.39 7.34
CA GLN C 251 17.34 -14.30 5.95
C GLN C 251 16.31 -13.60 5.05
N LYS D 16 16.72 19.04 -30.20
CA LYS D 16 16.28 18.37 -28.92
C LYS D 16 16.04 16.89 -29.14
N LYS D 17 16.09 16.12 -28.06
CA LYS D 17 16.09 14.64 -28.15
C LYS D 17 14.74 14.02 -28.52
N LEU D 18 14.81 12.95 -29.30
CA LEU D 18 13.61 12.22 -29.70
C LEU D 18 12.81 11.72 -28.48
N VAL D 19 11.49 11.82 -28.57
CA VAL D 19 10.60 11.24 -27.55
C VAL D 19 9.58 10.36 -28.25
N VAL D 20 9.45 9.12 -27.78
CA VAL D 20 8.48 8.17 -28.34
C VAL D 20 7.26 8.10 -27.43
N ILE D 21 6.07 8.15 -28.01
CA ILE D 21 4.85 8.11 -27.22
C ILE D 21 3.92 7.09 -27.83
N THR D 22 3.52 6.08 -27.05
CA THR D 22 2.51 5.11 -27.50
C THR D 22 1.10 5.58 -27.18
N GLY D 23 0.14 5.15 -27.99
CA GLY D 23 -1.24 5.57 -27.82
C GLY D 23 -1.48 7.06 -27.99
N ALA D 24 -0.84 7.66 -28.98
CA ALA D 24 -0.92 9.12 -29.17
C ALA D 24 -2.15 9.60 -29.96
N SER D 25 -3.06 8.68 -30.29
CA SER D 25 -4.12 8.97 -31.27
C SER D 25 -5.35 9.60 -30.64
N SER D 26 -5.37 9.63 -29.31
CA SER D 26 -6.45 10.26 -28.54
C SER D 26 -6.02 10.44 -27.09
N GLY D 27 -6.85 11.13 -26.31
CA GLY D 27 -6.77 11.13 -24.85
C GLY D 27 -5.47 11.66 -24.29
N ILE D 28 -5.01 11.02 -23.21
CA ILE D 28 -3.77 11.41 -22.56
C ILE D 28 -2.56 11.45 -23.50
N GLY D 29 -2.43 10.46 -24.37
CA GLY D 29 -1.26 10.38 -25.25
C GLY D 29 -1.19 11.53 -26.25
N GLU D 30 -2.33 11.88 -26.84
CA GLU D 30 -2.47 13.04 -27.70
C GLU D 30 -2.02 14.31 -26.94
N ALA D 31 -2.52 14.47 -25.72
CA ALA D 31 -2.21 15.65 -24.93
C ALA D 31 -0.73 15.73 -24.62
N ILE D 32 -0.10 14.56 -24.38
CA ILE D 32 1.30 14.53 -24.04
C ILE D 32 2.13 14.87 -25.28
N ALA D 33 1.69 14.40 -26.44
CA ALA D 33 2.39 14.70 -27.67
C ALA D 33 2.42 16.22 -27.92
N ARG D 34 1.27 16.86 -27.72
CA ARG D 34 1.16 18.29 -27.95
C ARG D 34 2.19 19.04 -27.10
N ARG D 35 2.25 18.72 -25.80
CA ARG D 35 3.13 19.42 -24.88
C ARG D 35 4.60 19.20 -25.20
N PHE D 36 4.95 17.96 -25.57
CA PHE D 36 6.35 17.64 -25.88
C PHE D 36 6.76 18.28 -27.23
N SER D 37 5.86 18.26 -28.20
CA SER D 37 6.07 18.97 -29.46
C SER D 37 6.33 20.47 -29.18
N GLU D 38 5.42 21.07 -28.44
CA GLU D 38 5.51 22.49 -28.15
C GLU D 38 6.77 22.87 -27.37
N GLU D 39 7.36 21.92 -26.63
CA GLU D 39 8.66 22.12 -26.03
C GLU D 39 9.81 21.90 -27.00
N GLY D 40 9.50 21.56 -28.25
CA GLY D 40 10.51 21.35 -29.28
C GLY D 40 11.13 19.96 -29.40
N HIS D 41 10.47 18.92 -28.91
CA HIS D 41 10.95 17.55 -29.11
C HIS D 41 10.46 16.98 -30.42
N PRO D 42 11.37 16.39 -31.21
CA PRO D 42 10.88 15.55 -32.29
C PRO D 42 10.21 14.31 -31.69
N LEU D 43 9.16 13.80 -32.33
CA LEU D 43 8.37 12.72 -31.76
C LEU D 43 8.27 11.50 -32.66
N LEU D 44 8.15 10.33 -32.03
CA LEU D 44 7.54 9.19 -32.70
C LEU D 44 6.24 8.87 -31.98
N LEU D 45 5.15 8.86 -32.72
CA LEU D 45 3.84 8.58 -32.18
C LEU D 45 3.40 7.24 -32.76
N LEU D 46 2.85 6.40 -31.89
CA LEU D 46 2.52 5.02 -32.22
C LEU D 46 1.12 4.76 -31.74
N ALA D 47 0.30 4.24 -32.63
CA ALA D 47 -1.06 3.87 -32.31
C ALA D 47 -1.57 3.08 -33.49
N ARG D 48 -2.69 2.41 -33.33
CA ARG D 48 -3.29 1.66 -34.43
C ARG D 48 -4.01 2.59 -35.43
N ARG D 49 -4.65 3.65 -34.94
CA ARG D 49 -5.32 4.62 -35.80
C ARG D 49 -4.35 5.67 -36.35
N VAL D 50 -3.51 5.27 -37.29
CA VAL D 50 -2.36 6.07 -37.74
C VAL D 50 -2.75 7.36 -38.48
N GLU D 51 -3.96 7.38 -39.03
CA GLU D 51 -4.47 8.56 -39.76
C GLU D 51 -4.94 9.64 -38.79
N ARG D 52 -5.44 9.24 -37.63
CA ARG D 52 -5.71 10.19 -36.57
C ARG D 52 -4.45 10.80 -35.98
N LEU D 53 -3.38 10.02 -35.94
CA LEU D 53 -2.07 10.55 -35.60
C LEU D 53 -1.68 11.67 -36.58
N LYS D 54 -1.87 11.41 -37.87
CA LYS D 54 -1.40 12.33 -38.92
C LYS D 54 -2.17 13.64 -38.84
N ALA D 55 -3.43 13.54 -38.43
CA ALA D 55 -4.36 14.66 -38.41
C ALA D 55 -4.09 15.61 -37.23
N LEU D 56 -3.09 15.27 -36.43
CA LEU D 56 -2.67 16.11 -35.32
C LEU D 56 -1.86 17.24 -35.89
N ASN D 57 -1.09 16.93 -36.92
CA ASN D 57 -0.31 17.92 -37.65
C ASN D 57 0.82 18.52 -36.88
N LEU D 58 1.47 17.73 -36.04
CA LEU D 58 2.56 18.25 -35.25
C LEU D 58 3.82 18.35 -36.07
N PRO D 59 4.63 19.38 -35.81
CA PRO D 59 5.95 19.48 -36.41
C PRO D 59 6.87 18.38 -35.91
N ASN D 60 7.75 17.91 -36.77
CA ASN D 60 8.93 17.19 -36.29
C ASN D 60 8.75 15.76 -35.71
N THR D 61 7.97 14.92 -36.38
CA THR D 61 6.87 14.17 -35.79
C THR D 61 6.56 13.02 -36.77
N LEU D 62 7.20 11.88 -36.51
CA LEU D 62 6.92 10.64 -37.24
C LEU D 62 5.69 9.92 -36.68
N CYS D 63 4.78 9.53 -37.57
CA CYS D 63 3.65 8.73 -37.18
C CYS D 63 3.84 7.34 -37.77
N ALA D 64 3.66 6.31 -36.94
CA ALA D 64 3.69 4.93 -37.40
C ALA D 64 2.48 4.14 -36.88
N GLN D 65 1.96 3.28 -37.73
CA GLN D 65 0.83 2.44 -37.36
C GLN D 65 1.36 1.20 -36.68
N VAL D 66 1.26 1.17 -35.36
CA VAL D 66 1.86 0.11 -34.57
C VAL D 66 0.87 -0.35 -33.51
N ASP D 67 0.73 -1.66 -33.38
CA ASP D 67 0.08 -2.28 -32.25
C ASP D 67 1.18 -2.63 -31.26
N VAL D 68 1.11 -2.08 -30.04
CA VAL D 68 2.22 -2.24 -29.10
C VAL D 68 2.41 -3.69 -28.65
N THR D 69 1.39 -4.52 -28.81
CA THR D 69 1.52 -5.94 -28.48
C THR D 69 2.28 -6.72 -29.57
N ASP D 70 2.53 -6.07 -30.70
CA ASP D 70 3.40 -6.61 -31.76
C ASP D 70 4.83 -6.13 -31.56
N LYS D 71 5.61 -6.84 -30.75
CA LYS D 71 6.94 -6.38 -30.37
C LYS D 71 7.81 -6.03 -31.58
N TYR D 72 7.77 -6.90 -32.59
CA TYR D 72 8.61 -6.72 -33.79
C TYR D 72 8.33 -5.43 -34.59
N THR D 73 7.07 -5.21 -34.94
CA THR D 73 6.66 -3.96 -35.57
C THR D 73 7.04 -2.76 -34.68
N PHE D 74 6.71 -2.88 -33.40
CA PHE D 74 7.06 -1.88 -32.39
C PHE D 74 8.55 -1.47 -32.46
N ASP D 75 9.43 -2.43 -32.25
CA ASP D 75 10.86 -2.16 -32.15
C ASP D 75 11.38 -1.51 -33.43
N THR D 76 10.81 -1.95 -34.54
CA THR D 76 11.22 -1.57 -35.89
C THR D 76 10.90 -0.10 -36.11
N ALA D 77 9.64 0.25 -35.88
CA ALA D 77 9.19 1.64 -35.93
C ALA D 77 10.17 2.51 -35.19
N ILE D 78 10.56 2.07 -33.99
CA ILE D 78 11.49 2.81 -33.16
C ILE D 78 12.85 2.95 -33.85
N THR D 79 13.38 1.84 -34.34
CA THR D 79 14.71 1.88 -34.97
C THR D 79 14.80 2.83 -36.17
N ARG D 80 13.72 2.89 -36.94
CA ARG D 80 13.71 3.71 -38.14
C ARG D 80 13.41 5.18 -37.83
N ALA D 81 12.87 5.43 -36.65
CA ALA D 81 12.74 6.80 -36.15
C ALA D 81 14.03 7.34 -35.56
N GLU D 82 14.86 6.48 -34.98
CA GLU D 82 16.13 6.92 -34.42
C GLU D 82 17.18 7.14 -35.51
N LYS D 83 16.93 6.57 -36.68
CA LYS D 83 17.74 6.79 -37.88
C LYS D 83 17.53 8.22 -38.40
N ILE D 84 16.52 8.90 -37.87
CA ILE D 84 16.21 10.25 -38.30
C ILE D 84 16.52 11.29 -37.22
N TYR D 85 16.23 10.95 -35.96
CA TYR D 85 16.29 11.93 -34.87
C TYR D 85 17.26 11.58 -33.77
N GLY D 86 17.96 10.46 -33.92
CA GLY D 86 18.89 10.01 -32.88
C GLY D 86 18.20 9.14 -31.84
N PRO D 87 18.97 8.63 -30.86
CA PRO D 87 18.49 7.85 -29.71
C PRO D 87 17.27 8.46 -28.99
N ALA D 88 16.21 7.68 -28.87
CA ALA D 88 15.09 8.00 -27.98
C ALA D 88 15.55 8.28 -26.55
N ASP D 89 15.36 9.52 -26.09
CA ASP D 89 15.67 9.84 -24.70
C ASP D 89 14.51 9.53 -23.75
N ALA D 90 13.31 9.36 -24.31
CA ALA D 90 12.16 9.03 -23.48
C ALA D 90 11.16 8.20 -24.27
N ILE D 91 10.54 7.26 -23.57
CA ILE D 91 9.34 6.62 -24.07
C ILE D 91 8.27 6.81 -23.03
N VAL D 92 7.07 7.15 -23.49
CA VAL D 92 5.91 7.26 -22.63
C VAL D 92 5.10 6.06 -23.04
N ASN D 93 5.04 5.07 -22.14
CA ASN D 93 4.23 3.91 -22.36
C ASN D 93 2.83 4.22 -21.89
N ASN D 94 2.00 4.69 -22.82
CA ASN D 94 0.72 5.30 -22.47
C ASN D 94 -0.44 4.45 -23.01
N ALA D 95 -0.23 3.79 -24.13
CA ALA D 95 -1.26 2.94 -24.73
C ALA D 95 -1.88 2.00 -23.69
N GLY D 96 -3.19 1.89 -23.70
CA GLY D 96 -3.82 0.99 -22.74
C GLY D 96 -5.32 0.99 -22.90
N MET D 97 -5.97 0.07 -22.20
CA MET D 97 -7.43 0.05 -22.25
C MET D 97 -8.00 -0.33 -20.94
N MET D 98 -9.24 0.07 -20.73
CA MET D 98 -9.94 -0.26 -19.50
C MET D 98 -11.24 -1.00 -19.83
N LEU D 99 -11.26 -2.31 -19.59
CA LEU D 99 -12.46 -3.09 -19.80
C LEU D 99 -13.00 -3.50 -18.46
N LEU D 100 -14.04 -2.79 -18.01
CA LEU D 100 -14.61 -2.99 -16.69
C LEU D 100 -15.63 -4.13 -16.69
N GLY D 101 -15.85 -4.72 -15.52
CA GLY D 101 -16.66 -5.92 -15.44
C GLY D 101 -16.53 -6.64 -14.12
N GLN D 102 -17.43 -7.59 -13.90
CA GLN D 102 -17.39 -8.40 -12.68
C GLN D 102 -16.69 -9.69 -13.04
N ILE D 103 -15.86 -10.21 -12.13
CA ILE D 103 -15.07 -11.40 -12.47
C ILE D 103 -15.98 -12.61 -12.69
N ASP D 104 -17.12 -12.65 -12.03
CA ASP D 104 -18.03 -13.77 -12.24
C ASP D 104 -18.64 -13.92 -13.65
N THR D 105 -18.74 -12.82 -14.39
CA THR D 105 -19.45 -12.80 -15.69
C THR D 105 -18.61 -12.27 -16.85
N GLN D 106 -17.66 -11.38 -16.56
CA GLN D 106 -16.88 -10.76 -17.63
C GLN D 106 -16.28 -11.79 -18.56
N GLU D 107 -16.39 -11.53 -19.86
CA GLU D 107 -15.69 -12.28 -20.89
C GLU D 107 -14.18 -12.36 -20.64
N ALA D 108 -13.70 -13.59 -20.41
CA ALA D 108 -12.29 -13.86 -20.15
C ALA D 108 -11.34 -13.27 -21.21
N ASN D 109 -11.77 -13.20 -22.46
CA ASN D 109 -10.91 -12.59 -23.47
C ASN D 109 -10.67 -11.09 -23.24
N GLU D 110 -11.54 -10.43 -22.46
CA GLU D 110 -11.27 -9.03 -22.08
C GLU D 110 -10.06 -8.92 -21.12
N TRP D 111 -9.89 -9.90 -20.25
CA TRP D 111 -8.71 -9.94 -19.38
C TRP D 111 -7.44 -10.06 -20.19
N GLN D 112 -7.45 -10.94 -21.19
CA GLN D 112 -6.28 -11.20 -22.03
C GLN D 112 -5.88 -9.94 -22.80
N ARG D 113 -6.86 -9.29 -23.44
CA ARG D 113 -6.56 -8.10 -24.20
C ARG D 113 -5.97 -6.98 -23.36
N MET D 114 -6.55 -6.73 -22.19
CA MET D 114 -6.05 -5.69 -21.29
C MET D 114 -4.65 -5.94 -20.79
N PHE D 115 -4.38 -7.17 -20.35
CA PHE D 115 -3.03 -7.53 -19.89
C PHE D 115 -2.03 -7.47 -21.04
N ASP D 116 -2.45 -7.89 -22.23
CA ASP D 116 -1.60 -7.78 -23.39
C ASP D 116 -1.17 -6.32 -23.70
N VAL D 117 -2.11 -5.38 -23.77
CA VAL D 117 -1.75 -3.98 -24.03
C VAL D 117 -1.17 -3.27 -22.81
N ASN D 118 -1.86 -3.35 -21.67
CA ASN D 118 -1.56 -2.51 -20.52
C ASN D 118 -0.25 -2.96 -19.86
N VAL D 119 0.07 -4.24 -19.97
CA VAL D 119 1.27 -4.77 -19.31
C VAL D 119 2.36 -5.19 -20.32
N LEU D 120 2.05 -6.11 -21.21
CA LEU D 120 3.05 -6.68 -22.12
C LEU D 120 3.48 -5.63 -23.16
N GLY D 121 2.50 -4.89 -23.71
CA GLY D 121 2.79 -3.71 -24.52
C GLY D 121 3.78 -2.77 -23.87
N LEU D 122 3.48 -2.38 -22.64
CA LEU D 122 4.39 -1.54 -21.86
C LEU D 122 5.78 -2.14 -21.64
N LEU D 123 5.84 -3.44 -21.36
CA LEU D 123 7.14 -4.12 -21.24
C LEU D 123 7.90 -4.12 -22.56
N ASN D 124 7.21 -4.33 -23.66
CA ASN D 124 7.80 -4.18 -24.99
C ASN D 124 8.44 -2.78 -25.10
N GLY D 125 7.69 -1.77 -24.65
CA GLY D 125 8.13 -0.40 -24.76
C GLY D 125 9.42 -0.19 -23.99
N MET D 126 9.44 -0.68 -22.75
CA MET D 126 10.62 -0.54 -21.93
C MET D 126 11.83 -1.25 -22.56
N GLN D 127 11.65 -2.49 -22.98
CA GLN D 127 12.78 -3.26 -23.51
C GLN D 127 13.33 -2.66 -24.80
N ALA D 128 12.47 -1.99 -25.56
CA ALA D 128 12.93 -1.33 -26.77
C ALA D 128 14.02 -0.27 -26.53
N VAL D 129 14.04 0.34 -25.35
CA VAL D 129 14.96 1.45 -25.12
C VAL D 129 15.97 1.22 -24.01
N LEU D 130 15.71 0.23 -23.16
CA LEU D 130 16.43 0.13 -21.91
C LEU D 130 17.94 -0.19 -22.06
N ALA D 131 18.27 -1.15 -22.91
CA ALA D 131 19.67 -1.47 -23.18
C ALA D 131 20.47 -0.23 -23.61
N PRO D 132 20.08 0.42 -24.71
CA PRO D 132 20.79 1.64 -25.13
C PRO D 132 20.90 2.71 -24.03
N MET D 133 19.79 3.05 -23.37
CA MET D 133 19.79 4.06 -22.32
C MET D 133 20.80 3.72 -21.22
N LYS D 134 20.80 2.46 -20.79
CA LYS D 134 21.76 2.04 -19.77
C LYS D 134 23.21 2.27 -20.28
N ALA D 135 23.47 1.92 -21.55
CA ALA D 135 24.83 2.00 -22.08
C ALA D 135 25.35 3.44 -22.07
N ARG D 136 24.49 4.40 -22.39
CA ARG D 136 24.88 5.81 -22.49
C ARG D 136 24.60 6.59 -21.23
N ASN D 137 24.07 5.91 -20.22
CA ASN D 137 23.81 6.52 -18.92
C ASN D 137 22.85 7.70 -19.05
N CYS D 138 21.84 7.57 -19.90
CA CYS D 138 20.83 8.60 -19.93
C CYS D 138 19.52 8.01 -20.41
N GLY D 139 18.41 8.64 -20.07
CA GLY D 139 17.11 8.25 -20.62
C GLY D 139 16.03 8.19 -19.57
N THR D 140 14.78 8.23 -20.02
CA THR D 140 13.68 8.29 -19.09
C THR D 140 12.56 7.41 -19.61
N ILE D 141 12.14 6.48 -18.76
CA ILE D 141 10.95 5.71 -19.02
C ILE D 141 9.79 6.27 -18.18
N ILE D 142 8.70 6.62 -18.85
CA ILE D 142 7.54 7.18 -18.16
C ILE D 142 6.37 6.24 -18.40
N ASN D 143 5.91 5.56 -17.36
CA ASN D 143 4.82 4.63 -17.52
C ASN D 143 3.53 5.22 -16.98
N ILE D 144 2.44 5.12 -17.75
CA ILE D 144 1.18 5.68 -17.31
C ILE D 144 0.45 4.57 -16.58
N SER D 145 0.47 4.65 -15.26
CA SER D 145 -0.29 3.75 -14.45
C SER D 145 -1.68 4.33 -14.13
N SER D 146 -2.10 4.24 -12.88
CA SER D 146 -3.36 4.81 -12.47
C SER D 146 -3.39 4.79 -10.94
N ILE D 147 -4.23 5.62 -10.34
CA ILE D 147 -4.53 5.46 -8.94
C ILE D 147 -5.19 4.08 -8.72
N ALA D 148 -5.85 3.54 -9.73
CA ALA D 148 -6.25 2.12 -9.69
C ALA D 148 -5.06 1.11 -9.64
N GLY D 149 -3.84 1.58 -9.89
CA GLY D 149 -2.64 0.82 -9.55
C GLY D 149 -2.24 0.88 -8.08
N LYS D 150 -3.00 1.66 -7.31
CA LYS D 150 -2.69 2.02 -5.93
C LYS D 150 -3.80 1.55 -5.02
N LYS D 151 -5.05 1.63 -5.52
CA LYS D 151 -6.20 1.16 -4.75
C LYS D 151 -7.25 0.50 -5.66
N THR D 152 -8.24 -0.14 -5.04
CA THR D 152 -9.27 -0.86 -5.80
C THR D 152 -10.55 -0.04 -5.97
N PHE D 153 -11.32 -0.36 -7.01
CA PHE D 153 -12.53 0.39 -7.42
C PHE D 153 -13.52 -0.68 -7.91
N PRO D 154 -14.84 -0.44 -7.73
CA PRO D 154 -15.89 -1.37 -8.21
C PRO D 154 -15.81 -1.61 -9.71
N ASP D 155 -15.94 -2.87 -10.13
CA ASP D 155 -15.87 -3.30 -11.54
C ASP D 155 -14.48 -3.22 -12.19
N HIS D 156 -13.45 -2.93 -11.40
CA HIS D 156 -12.11 -2.66 -11.95
C HIS D 156 -11.13 -3.84 -11.73
N ALA D 157 -11.61 -5.00 -11.29
CA ALA D 157 -10.69 -6.05 -10.80
C ALA D 157 -9.52 -6.36 -11.74
N ALA D 158 -9.82 -6.67 -12.99
CA ALA D 158 -8.79 -7.01 -13.95
C ALA D 158 -7.94 -5.80 -14.33
N TYR D 159 -8.59 -4.64 -14.53
CA TYR D 159 -7.86 -3.40 -14.79
C TYR D 159 -6.94 -2.99 -13.66
N CYS D 160 -7.42 -3.08 -12.41
CA CYS D 160 -6.55 -2.85 -11.27
C CYS D 160 -5.36 -3.81 -11.26
N GLY D 161 -5.61 -5.05 -11.66
CA GLY D 161 -4.53 -6.04 -11.81
C GLY D 161 -3.44 -5.53 -12.75
N THR D 162 -3.82 -5.02 -13.92
CA THR D 162 -2.82 -4.53 -14.87
C THR D 162 -2.10 -3.33 -14.29
N LYS D 163 -2.78 -2.49 -13.54
CA LYS D 163 -2.13 -1.24 -13.12
C LYS D 163 -1.22 -1.40 -11.88
N PHE D 164 -1.60 -2.30 -10.98
CA PHE D 164 -0.69 -2.68 -9.90
C PHE D 164 0.55 -3.35 -10.50
N ALA D 165 0.37 -4.21 -11.52
CA ALA D 165 1.53 -4.85 -12.15
C ALA D 165 2.43 -3.77 -12.74
N VAL D 166 1.83 -2.75 -13.37
CA VAL D 166 2.63 -1.67 -13.96
C VAL D 166 3.41 -0.90 -12.89
N HIS D 167 2.74 -0.62 -11.77
CA HIS D 167 3.37 0.00 -10.62
C HIS D 167 4.56 -0.82 -10.09
N ALA D 168 4.36 -2.13 -9.90
CA ALA D 168 5.43 -3.01 -9.41
C ALA D 168 6.58 -3.09 -10.43
N ILE D 169 6.24 -3.25 -11.71
CA ILE D 169 7.24 -3.36 -12.77
C ILE D 169 8.11 -2.09 -12.81
N SER D 170 7.45 -0.96 -12.74
CA SER D 170 8.15 0.32 -12.75
C SER D 170 9.08 0.44 -11.58
N GLU D 171 8.62 0.12 -10.37
CA GLU D 171 9.48 0.33 -9.20
C GLU D 171 10.65 -0.63 -9.27
N ASN D 172 10.39 -1.85 -9.72
CA ASN D 172 11.42 -2.86 -9.76
C ASN D 172 12.52 -2.46 -10.77
N VAL D 173 12.13 -2.10 -11.98
CA VAL D 173 13.11 -1.63 -12.98
C VAL D 173 13.80 -0.35 -12.51
N ARG D 174 13.05 0.60 -11.92
CA ARG D 174 13.70 1.83 -11.48
C ARG D 174 14.90 1.51 -10.59
N GLU D 175 14.71 0.60 -9.64
CA GLU D 175 15.78 0.24 -8.68
C GLU D 175 17.00 -0.35 -9.40
N GLU D 176 16.76 -1.07 -10.50
CA GLU D 176 17.81 -1.86 -11.14
C GLU D 176 18.59 -1.03 -12.15
N VAL D 177 18.00 0.05 -12.65
CA VAL D 177 18.68 0.91 -13.61
C VAL D 177 19.15 2.24 -13.04
N ALA D 178 18.92 2.44 -11.75
CA ALA D 178 19.39 3.62 -11.03
C ALA D 178 20.89 3.91 -11.24
N ALA D 179 21.71 2.86 -11.16
CA ALA D 179 23.16 2.97 -11.21
C ALA D 179 23.67 3.36 -12.59
N SER D 180 22.90 3.05 -13.64
CA SER D 180 23.16 3.52 -14.98
C SER D 180 22.60 4.90 -15.27
N ASN D 181 22.16 5.60 -14.24
CA ASN D 181 21.63 6.95 -14.39
C ASN D 181 20.43 7.05 -15.30
N VAL D 182 19.68 5.97 -15.40
CA VAL D 182 18.41 5.97 -16.14
C VAL D 182 17.23 6.18 -15.18
N ARG D 183 16.26 6.99 -15.61
CA ARG D 183 15.08 7.30 -14.80
C ARG D 183 13.88 6.45 -15.23
N VAL D 184 13.13 5.97 -14.26
CA VAL D 184 11.84 5.32 -14.53
C VAL D 184 10.77 6.00 -13.67
N MET D 185 9.69 6.47 -14.34
CA MET D 185 8.68 7.35 -13.73
C MET D 185 7.32 6.69 -13.85
N THR D 186 6.51 6.81 -12.80
CA THR D 186 5.14 6.32 -12.81
C THR D 186 4.17 7.52 -12.68
N ILE D 187 3.21 7.65 -13.60
CA ILE D 187 2.24 8.74 -13.55
C ILE D 187 0.89 8.07 -13.31
N ALA D 188 0.21 8.47 -12.26
CA ALA D 188 -0.94 7.73 -11.76
C ALA D 188 -2.14 8.68 -11.72
N PRO D 189 -2.79 8.89 -12.88
CA PRO D 189 -3.98 9.73 -12.92
C PRO D 189 -5.21 8.98 -12.41
N SER D 190 -6.26 9.74 -12.11
CA SER D 190 -7.61 9.19 -11.93
C SER D 190 -8.55 10.13 -12.71
N ALA D 191 -9.58 9.57 -13.34
CA ALA D 191 -10.71 10.34 -13.88
C ALA D 191 -10.30 11.40 -14.89
N VAL D 192 -9.95 10.98 -16.10
CA VAL D 192 -9.44 11.93 -17.07
C VAL D 192 -10.37 11.83 -18.25
N LYS D 193 -10.78 12.98 -18.80
CA LYS D 193 -11.70 13.03 -19.94
C LYS D 193 -11.03 12.52 -21.21
N THR D 194 -11.34 11.28 -21.60
CA THR D 194 -10.68 10.66 -22.74
C THR D 194 -11.63 9.65 -23.37
N GLU D 195 -11.14 8.87 -24.33
CA GLU D 195 -11.92 7.78 -24.93
C GLU D 195 -12.00 6.48 -24.10
N LEU D 196 -11.27 6.42 -23.00
CA LEU D 196 -11.02 5.17 -22.28
C LEU D 196 -12.34 4.45 -21.95
N LEU D 197 -13.22 5.12 -21.21
CA LEU D 197 -14.38 4.46 -20.63
C LEU D 197 -15.23 3.85 -21.72
N SER D 198 -15.10 4.35 -22.94
CA SER D 198 -16.04 3.96 -24.00
C SER D 198 -15.82 2.53 -24.48
N HIS D 199 -14.66 1.95 -24.19
CA HIS D 199 -14.37 0.58 -24.63
C HIS D 199 -14.97 -0.51 -23.75
N THR D 200 -15.42 -0.14 -22.55
CA THR D 200 -16.05 -1.10 -21.67
C THR D 200 -17.31 -1.70 -22.28
N THR D 201 -17.56 -2.97 -21.95
CA THR D 201 -18.56 -3.79 -22.61
C THR D 201 -19.96 -3.46 -22.10
N SER D 202 -20.10 -3.41 -20.78
CA SER D 202 -21.41 -3.21 -20.17
C SER D 202 -21.90 -1.74 -20.22
N GLN D 203 -23.03 -1.52 -20.90
CA GLN D 203 -23.64 -0.20 -20.96
C GLN D 203 -24.02 0.31 -19.58
N GLN D 204 -24.44 -0.59 -18.71
CA GLN D 204 -24.83 -0.23 -17.36
C GLN D 204 -23.62 0.28 -16.54
N ILE D 205 -22.47 -0.40 -16.66
CA ILE D 205 -21.24 0.04 -15.99
C ILE D 205 -20.80 1.43 -16.49
N LYS D 206 -20.77 1.61 -17.80
CA LYS D 206 -20.44 2.91 -18.40
C LYS D 206 -21.37 4.04 -17.90
N ASP D 207 -22.65 3.72 -17.73
CA ASP D 207 -23.62 4.71 -17.27
C ASP D 207 -23.35 5.09 -15.82
N GLY D 208 -23.12 4.06 -14.99
CA GLY D 208 -22.77 4.29 -13.58
C GLY D 208 -21.48 5.10 -13.47
N TYR D 209 -20.52 4.83 -14.34
CA TYR D 209 -19.24 5.53 -14.28
C TYR D 209 -19.39 6.98 -14.72
N ASP D 210 -20.16 7.18 -15.77
CA ASP D 210 -20.36 8.52 -16.30
C ASP D 210 -21.06 9.42 -15.29
N ALA D 211 -22.04 8.87 -14.60
CA ALA D 211 -22.74 9.60 -13.54
C ALA D 211 -21.86 9.88 -12.33
N TRP D 212 -20.89 9.01 -12.08
CA TRP D 212 -19.93 9.23 -11.00
C TRP D 212 -19.11 10.47 -11.35
N ARG D 213 -18.58 10.52 -12.57
CA ARG D 213 -17.76 11.66 -12.93
C ARG D 213 -18.54 13.00 -13.01
N VAL D 214 -19.76 12.95 -13.54
CA VAL D 214 -20.69 14.08 -13.50
C VAL D 214 -20.91 14.57 -12.06
N ASP D 215 -21.15 13.63 -11.15
CA ASP D 215 -21.47 13.97 -9.77
C ASP D 215 -20.28 14.58 -9.04
N MET D 216 -19.08 14.28 -9.54
CA MET D 216 -17.80 14.81 -9.05
C MET D 216 -17.67 16.31 -9.30
N GLY D 217 -18.53 16.85 -10.17
CA GLY D 217 -18.33 18.19 -10.74
C GLY D 217 -17.43 18.13 -11.95
N GLY D 218 -17.33 16.95 -12.55
CA GLY D 218 -16.36 16.71 -13.62
C GLY D 218 -14.96 16.41 -13.11
N VAL D 219 -14.00 16.54 -14.02
CA VAL D 219 -12.96 15.55 -14.16
C VAL D 219 -11.68 16.18 -14.74
N LEU D 220 -10.57 15.47 -14.67
CA LEU D 220 -9.30 16.01 -15.20
C LEU D 220 -9.40 16.18 -16.71
N ALA D 221 -8.69 17.16 -17.25
CA ALA D 221 -8.47 17.25 -18.69
C ALA D 221 -7.18 16.48 -19.02
N ALA D 222 -7.08 15.89 -20.20
CA ALA D 222 -5.88 15.15 -20.58
C ALA D 222 -4.62 15.98 -20.37
N ASP D 223 -4.76 17.28 -20.61
CA ASP D 223 -3.62 18.18 -20.51
C ASP D 223 -3.08 18.33 -19.08
N ASP D 224 -3.94 18.11 -18.09
CA ASP D 224 -3.52 18.13 -16.70
C ASP D 224 -2.51 17.02 -16.42
N VAL D 225 -2.71 15.85 -17.02
CA VAL D 225 -1.73 14.76 -16.92
C VAL D 225 -0.48 15.12 -17.73
N ALA D 226 -0.68 15.65 -18.93
CA ALA D 226 0.45 16.05 -19.77
C ALA D 226 1.41 17.05 -19.14
N ARG D 227 0.89 18.03 -18.39
CA ARG D 227 1.78 19.02 -17.78
C ARG D 227 2.64 18.37 -16.70
N ALA D 228 2.08 17.38 -16.01
CA ALA D 228 2.80 16.68 -14.96
C ALA D 228 3.87 15.79 -15.55
N VAL D 229 3.54 15.10 -16.64
CA VAL D 229 4.49 14.26 -17.37
C VAL D 229 5.70 15.09 -17.86
N LEU D 230 5.43 16.21 -18.51
CA LEU D 230 6.48 17.11 -18.96
C LEU D 230 7.32 17.69 -17.82
N PHE D 231 6.68 18.09 -16.72
CA PHE D 231 7.43 18.57 -15.56
C PHE D 231 8.38 17.51 -15.03
N ALA D 232 7.91 16.26 -14.91
CA ALA D 232 8.78 15.18 -14.41
C ALA D 232 9.99 15.01 -15.33
N TYR D 233 9.74 14.95 -16.65
CA TYR D 233 10.77 14.74 -17.65
C TYR D 233 11.84 15.86 -17.63
N GLN D 234 11.40 17.09 -17.39
CA GLN D 234 12.23 18.28 -17.59
C GLN D 234 13.15 18.55 -16.42
N GLN D 235 12.97 17.82 -15.33
CA GLN D 235 13.93 17.89 -14.25
C GLN D 235 15.29 17.42 -14.75
N PRO D 236 16.36 17.92 -14.16
CA PRO D 236 17.70 17.48 -14.57
C PRO D 236 17.76 15.95 -14.46
N GLN D 237 18.60 15.32 -15.28
CA GLN D 237 18.73 13.87 -15.32
C GLN D 237 18.97 13.26 -13.95
N ASN D 238 19.64 13.99 -13.07
CA ASN D 238 19.97 13.44 -11.76
C ASN D 238 18.79 13.52 -10.77
N VAL D 239 17.69 14.17 -11.18
CA VAL D 239 16.51 14.23 -10.30
C VAL D 239 15.44 13.26 -10.83
N CYS D 240 15.04 12.29 -10.02
CA CYS D 240 14.01 11.34 -10.47
C CYS D 240 12.70 11.52 -9.72
N ILE D 241 11.69 12.09 -10.38
CA ILE D 241 10.33 12.03 -9.84
C ILE D 241 9.82 10.59 -10.04
N ARG D 242 9.78 9.79 -8.99
CA ARG D 242 9.40 8.40 -9.17
C ARG D 242 7.90 8.27 -9.48
N GLU D 243 7.10 9.07 -8.79
CA GLU D 243 5.66 8.95 -8.88
C GLU D 243 4.99 10.31 -8.78
N ILE D 244 4.01 10.55 -9.65
CA ILE D 244 3.05 11.65 -9.46
C ILE D 244 1.62 11.11 -9.58
N ALA D 245 0.84 11.22 -8.51
CA ALA D 245 -0.53 10.74 -8.49
C ALA D 245 -1.46 11.97 -8.53
N LEU D 246 -2.45 11.96 -9.40
CA LEU D 246 -3.31 13.14 -9.54
C LEU D 246 -4.74 12.75 -9.93
N ALA D 247 -5.68 13.61 -9.54
CA ALA D 247 -7.10 13.31 -9.58
C ALA D 247 -7.84 14.63 -9.44
N PRO D 248 -9.09 14.70 -9.93
CA PRO D 248 -9.87 15.90 -9.61
C PRO D 248 -9.89 16.11 -8.10
N THR D 249 -9.91 17.36 -7.68
CA THR D 249 -9.96 17.66 -6.27
C THR D 249 -11.22 17.09 -5.58
N LYS D 250 -12.33 17.12 -6.30
CA LYS D 250 -13.61 16.71 -5.72
C LYS D 250 -13.83 15.20 -5.83
N GLN D 251 -12.95 14.48 -6.52
CA GLN D 251 -13.06 13.01 -6.52
C GLN D 251 -13.20 12.40 -5.11
N GLN D 252 -14.32 11.72 -4.90
CA GLN D 252 -14.54 10.81 -3.75
C GLN D 252 -15.08 9.45 -4.27
N PRO D 253 -15.34 8.50 -3.36
CA PRO D 253 -16.08 7.26 -3.69
C PRO D 253 -17.45 7.48 -4.36
PA NDP E . -11.04 -2.34 24.25
O1A NDP E . -11.29 -0.92 24.56
O2A NDP E . -12.02 -3.41 24.64
O5B NDP E . -9.67 -2.72 24.94
C5B NDP E . -8.60 -1.77 25.03
C4B NDP E . -7.58 -2.32 26.01
O4B NDP E . -6.39 -1.50 26.15
C3B NDP E . -8.28 -2.31 27.37
O3B NDP E . -7.92 -3.55 28.03
C2B NDP E . -7.67 -1.08 28.06
O2B NDP E . -7.57 -1.40 29.44
C1B NDP E . -6.25 -1.15 27.52
N9A NDP E . -5.61 0.17 27.62
C8A NDP E . -6.04 1.31 27.07
N7A NDP E . -5.19 2.30 27.39
C5A NDP E . -4.23 1.77 28.13
C6A NDP E . -3.11 2.30 28.73
N6A NDP E . -2.84 3.61 28.58
N1A NDP E . -2.30 1.48 29.44
C2A NDP E . -2.57 0.19 29.56
N3A NDP E . -3.64 -0.34 28.99
C4A NDP E . -4.49 0.41 28.30
O3 NDP E . -10.76 -2.36 22.67
PN NDP E . -10.13 -3.53 21.79
O1N NDP E . -10.85 -3.52 20.50
O2N NDP E . -9.98 -4.80 22.54
O5D NDP E . -8.64 -2.90 21.57
C5D NDP E . -7.44 -3.66 21.61
C4D NDP E . -6.63 -3.41 20.33
O4D NDP E . -7.36 -3.84 19.18
C3D NDP E . -6.47 -1.88 20.17
O3D NDP E . -5.10 -1.61 19.87
C2D NDP E . -7.28 -1.59 18.92
O2D NDP E . -6.72 -0.50 18.21
C1D NDP E . -7.09 -2.89 18.14
N1N NDP E . -8.10 -3.07 17.08
C2N NDP E . -9.47 -3.17 17.43
C3N NDP E . -10.44 -3.34 16.45
C7N NDP E . -11.94 -3.44 16.86
O7N NDP E . -12.92 -3.36 15.95
N7N NDP E . -12.20 -3.54 18.17
C4N NDP E . -10.07 -3.42 15.09
C5N NDP E . -8.71 -3.32 14.75
C6N NDP E . -7.74 -3.16 15.73
P2B NDP E . -7.65 -0.41 30.73
O1X NDP E . -8.16 -1.21 31.86
O2X NDP E . -6.16 0.10 30.99
O3X NDP E . -8.59 0.83 30.38
PA NDP F . 16.26 20.41 8.30
O1A NDP F . 16.62 20.09 9.70
O2A NDP F . 17.17 21.16 7.40
O5B NDP F . 14.88 21.24 8.41
C5B NDP F . 14.23 21.20 9.68
C4B NDP F . 13.28 22.38 9.80
O4B NDP F . 12.26 22.01 10.76
C3B NDP F . 14.13 23.46 10.46
O3B NDP F . 13.70 24.72 9.98
C2B NDP F . 13.73 23.38 11.92
O2B NDP F . 13.80 24.71 12.40
C1B NDP F . 12.25 22.99 11.79
N9A NDP F . 11.73 22.48 13.06
C8A NDP F . 12.21 21.41 13.74
N7A NDP F . 11.51 21.23 14.86
C5A NDP F . 10.58 22.20 14.90
C6A NDP F . 9.59 22.50 15.81
N6A NDP F . 9.46 21.73 16.89
N1A NDP F . 8.76 23.56 15.56
C2A NDP F . 8.91 24.29 14.46
N3A NDP F . 9.85 24.02 13.56
C4A NDP F . 10.71 22.99 13.76
O3 NDP F . 15.83 19.03 7.58
PN NDP F . 14.93 18.86 6.27
O1N NDP F . 15.43 17.61 5.64
O2N NDP F . 14.85 20.10 5.47
O5D NDP F . 13.46 18.57 6.95
C5D NDP F . 12.24 19.14 6.35
C4D NDP F . 11.26 18.00 6.01
O4D NDP F . 11.80 17.16 4.96
C3D NDP F . 11.16 17.12 7.27
O3D NDP F . 9.78 16.89 7.62
C2D NDP F . 11.87 15.83 6.82
O2D NDP F . 11.40 14.68 7.55
C1D NDP F . 11.50 15.80 5.34
N1N NDP F . 12.27 14.84 4.52
C2N NDP F . 13.63 15.05 4.34
C3N NDP F . 14.39 14.17 3.58
C7N NDP F . 15.91 14.43 3.40
O7N NDP F . 16.68 13.62 2.65
N7N NDP F . 16.42 15.52 4.01
C4N NDP F . 13.78 13.06 2.99
C5N NDP F . 12.41 12.83 3.16
C6N NDP F . 11.65 13.71 3.94
P2B NDP F . 14.08 25.19 13.90
O1X NDP F . 14.69 26.53 13.80
O2X NDP F . 12.74 25.15 14.74
O3X NDP F . 15.02 24.15 14.65
PA NDP G . 6.38 -25.43 -7.84
O1A NDP G . 7.03 -25.26 -9.19
O2A NDP G . 6.81 -26.51 -6.93
O5B NDP G . 4.81 -25.52 -8.05
C5B NDP G . 4.29 -25.18 -9.32
C4B NDP G . 2.97 -25.90 -9.52
O4B NDP G . 2.23 -25.19 -10.54
C3B NDP G . 3.35 -27.26 -10.12
O3B NDP G . 2.42 -28.21 -9.61
C2B NDP G . 3.05 -27.08 -11.58
O2B NDP G . 2.62 -28.34 -12.06
C1B NDP G . 1.85 -26.13 -11.51
N9A NDP G . 1.67 -25.45 -12.78
C8A NDP G . 2.58 -24.70 -13.41
N7A NDP G . 2.08 -24.25 -14.56
C5A NDP G . 0.84 -24.71 -14.66
C6A NDP G . -0.16 -24.55 -15.59
N6A NDP G . 0.11 -23.82 -16.67
N1A NDP G . -1.36 -25.15 -15.40
C2A NDP G . -1.58 -25.86 -14.30
N3A NDP G . -0.65 -26.03 -13.37
C4A NDP G . 0.57 -25.47 -13.52
O3 NDP G . 6.58 -24.01 -7.10
PN NDP G . 5.78 -23.47 -5.81
O1N NDP G . 6.73 -22.54 -5.10
O2N NDP G . 5.20 -24.56 -5.04
O5D NDP G . 4.62 -22.60 -6.59
C5D NDP G . 3.24 -22.53 -6.07
C4D NDP G . 2.83 -21.06 -5.85
O4D NDP G . 3.60 -20.54 -4.74
C3D NDP G . 3.24 -20.24 -7.09
O3D NDP G . 2.14 -19.46 -7.59
C2D NDP G . 4.38 -19.36 -6.56
O2D NDP G . 4.45 -18.14 -7.32
C1D NDP G . 3.94 -19.16 -5.11
N1N NDP G . 5.04 -18.66 -4.22
C2N NDP G . 6.18 -19.45 -4.02
C3N NDP G . 7.21 -19.02 -3.21
C7N NDP G . 8.47 -19.91 -3.01
O7N NDP G . 9.51 -19.43 -2.28
N7N NDP G . 8.48 -21.13 -3.59
C4N NDP G . 7.14 -17.78 -2.59
C5N NDP G . 6.02 -16.97 -2.78
C6N NDP G . 4.96 -17.40 -3.59
P2B NDP G . 2.68 -28.88 -13.56
O1X NDP G . 2.52 -30.35 -13.51
O2X NDP G . 1.56 -28.21 -14.50
O3X NDP G . 4.05 -28.46 -14.25
PA NDP H . -7.96 6.56 -24.69
O1A NDP H . -8.80 5.39 -25.07
O2A NDP H . -8.37 7.94 -25.11
O5B NDP H . -6.54 6.34 -25.29
C5B NDP H . -5.98 5.04 -25.46
C4B NDP H . -4.76 5.13 -26.36
O4B NDP H . -3.99 3.89 -26.46
C3B NDP H . -5.26 5.43 -27.77
O3B NDP H . -4.28 6.30 -28.37
C2B NDP H . -5.24 4.05 -28.45
O2B NDP H . -4.91 4.25 -29.85
C1B NDP H . -3.99 3.46 -27.83
N9A NDP H . -3.99 1.98 -27.92
C8A NDP H . -4.90 1.14 -27.42
N7A NDP H . -4.53 -0.11 -27.72
C5A NDP H . -3.39 -0.04 -28.39
C6A NDP H . -2.53 -0.98 -28.95
N6A NDP H . -2.82 -2.29 -28.84
N1A NDP H . -1.43 -0.57 -29.57
C2A NDP H . -1.13 0.71 -29.66
N3A NDP H . -1.92 1.64 -29.15
C4A NDP H . -3.04 1.29 -28.52
O3 NDP H . -7.80 6.51 -23.10
PN NDP H . -6.72 7.30 -22.22
O1N NDP H . -7.39 7.59 -20.96
O2N NDP H . -6.03 8.38 -22.99
O5D NDP H . -5.63 6.09 -21.97
C5D NDP H . -4.23 6.28 -21.97
C4D NDP H . -3.61 5.71 -20.70
O4D NDP H . -4.09 6.47 -19.57
C3D NDP H . -4.15 4.25 -20.49
O3D NDP H . -3.09 3.43 -20.05
C2D NDP H . -5.11 4.43 -19.31
O2D NDP H . -5.21 3.22 -18.54
C1D NDP H . -4.41 5.50 -18.53
N1N NDP H . -5.28 6.08 -17.49
C2N NDP H . -6.44 6.77 -17.86
C3N NDP H . -7.27 7.34 -16.89
C7N NDP H . -8.57 8.05 -17.31
O7N NDP H . -9.49 8.37 -16.40
N7N NDP H . -8.76 8.32 -18.61
C4N NDP H . -6.92 7.24 -15.53
C5N NDP H . -5.75 6.57 -15.16
C6N NDP H . -4.91 6.01 -16.13
P2B NDP H . -5.44 3.39 -31.13
O1X NDP H . -5.57 4.26 -32.32
O2X NDP H . -4.35 2.28 -31.33
O3X NDP H . -6.81 2.71 -30.77
#